data_9EU0
#
_entry.id   9EU0
#
_cell.length_a   74.71
_cell.length_b   91.56
_cell.length_c   96.13
_cell.angle_alpha   90
_cell.angle_beta   90
_cell.angle_gamma   90
#
_symmetry.space_group_name_H-M   'P 21 21 21'
#
loop_
_entity.id
_entity.type
_entity.pdbx_description
1 polymer 'Histone deacetylase 6'
2 non-polymer 'ZINC ION'
3 non-polymer 'POTASSIUM ION'
4 non-polymer '4-(2-HYDROXYETHYL)-1-PIPERAZINE ETHANESULFONIC ACID'
5 non-polymer "~{N}'-[2,2-bis(fluoranyl)ethanoyl]-5-[(4-~{tert}-butyl-1,2,3-triazol-1-yl)methyl]thiophene-2-carbohydrazide"
6 water water
#
_entity_poly.entity_id   1
_entity_poly.type   'polypeptide(L)'
_entity_poly.pdbx_seq_one_letter_code
;GSNAGGSSPITGLVYDQRMMLHHNMWDSHHPELPQRISRIFSRHEELRLLSRCHRIPARLATEEELALCHSSKHISIIKS
SEHMKPRDLNRLGDEYNSIFISNESYTCALLAAGSCFNSAQAILTGQVRNAVAIVRPPGHHAEKDTACGFCFFNTAALTA
RYAQSITRESLRVLIVDWDVHHGNGTQHIFEEDDSVLYISLHRYEDGAFFPNSEDANYDKVGLGKGRGYNVNIPWNGGKM
GDPEYMAAFHHLVMPIAREFAPELVLVSAGFDAARGDPLGGFQVTPEGYAHLTHQLMSLAAGRVLIILEGGYNLTSISES
MSMCTSMLLGDSPPSLDHLTPLKTSATVSINNVLRAHAPFWSSLR
;
_entity_poly.pdbx_strand_id   A,B
#
# COMPACT_ATOMS: atom_id res chain seq x y z
N PRO A 9 -25.77 9.05 11.72
CA PRO A 9 -24.63 9.91 11.40
C PRO A 9 -23.80 9.36 10.24
N ILE A 10 -23.71 10.15 9.15
CA ILE A 10 -23.11 9.69 7.90
C ILE A 10 -21.79 10.43 7.67
N THR A 11 -20.77 9.69 7.21
CA THR A 11 -19.52 10.27 6.74
C THR A 11 -19.48 10.21 5.23
N GLY A 12 -19.22 11.35 4.59
CA GLY A 12 -19.07 11.37 3.16
C GLY A 12 -17.61 11.14 2.76
N LEU A 13 -17.41 10.67 1.54
CA LEU A 13 -16.08 10.51 1.01
C LEU A 13 -16.13 10.87 -0.47
N VAL A 14 -15.16 11.71 -0.86
CA VAL A 14 -15.01 12.05 -2.25
C VAL A 14 -13.62 11.63 -2.75
N TYR A 15 -13.62 11.09 -3.95
CA TYR A 15 -12.44 10.56 -4.61
C TYR A 15 -12.82 10.44 -6.08
N ASP A 16 -11.92 10.89 -6.95
CA ASP A 16 -12.08 10.65 -8.38
C ASP A 16 -10.70 10.33 -8.95
N GLN A 17 -10.58 9.19 -9.66
CA GLN A 17 -9.30 8.75 -10.18
C GLN A 17 -8.73 9.67 -11.26
N ARG A 18 -9.55 10.54 -11.84
N ARG A 18 -9.57 10.52 -11.86
CA ARG A 18 -9.05 11.45 -12.87
CA ARG A 18 -9.13 11.50 -12.85
C ARG A 18 -8.11 12.49 -12.27
C ARG A 18 -8.10 12.46 -12.26
N MET A 19 -8.12 12.68 -10.93
CA MET A 19 -7.14 13.55 -10.30
C MET A 19 -5.74 12.93 -10.38
N MET A 20 -5.64 11.63 -10.74
CA MET A 20 -4.35 11.01 -10.97
C MET A 20 -3.65 11.50 -12.26
N LEU A 21 -4.35 12.17 -13.17
CA LEU A 21 -3.78 12.49 -14.47
C LEU A 21 -2.70 13.58 -14.41
N HIS A 22 -2.77 14.45 -13.40
CA HIS A 22 -1.72 15.41 -13.13
C HIS A 22 -0.42 14.68 -12.88
N HIS A 23 0.62 14.97 -13.67
CA HIS A 23 1.86 14.20 -13.57
C HIS A 23 3.10 15.01 -13.99
N ASN A 24 4.25 14.50 -13.56
CA ASN A 24 5.55 15.18 -13.76
C ASN A 24 6.23 14.54 -14.95
N MET A 25 6.30 15.27 -16.08
CA MET A 25 6.77 14.62 -17.27
C MET A 25 8.30 14.43 -17.24
N TRP A 26 9.05 15.30 -16.57
CA TRP A 26 10.50 15.16 -16.47
C TRP A 26 10.94 14.13 -15.42
N ASP A 27 10.24 14.10 -14.28
CA ASP A 27 10.59 13.26 -13.16
C ASP A 27 9.36 12.47 -12.73
N SER A 28 9.20 11.28 -13.30
CA SER A 28 8.01 10.47 -13.08
C SER A 28 7.96 9.89 -11.66
N HIS A 29 9.09 9.97 -10.94
CA HIS A 29 9.22 9.51 -9.57
C HIS A 29 9.14 10.66 -8.59
N HIS A 30 8.75 11.88 -9.05
CA HIS A 30 8.56 12.98 -8.12
C HIS A 30 7.57 12.54 -7.06
N PRO A 31 7.82 12.80 -5.76
CA PRO A 31 7.00 12.22 -4.69
C PRO A 31 5.52 12.60 -4.64
N GLU A 32 5.11 13.69 -5.32
CA GLU A 32 3.69 14.05 -5.42
C GLU A 32 3.07 13.25 -6.57
N LEU A 33 2.92 11.96 -6.30
CA LEU A 33 2.58 10.95 -7.29
C LEU A 33 1.08 10.87 -7.49
N PRO A 34 0.67 10.56 -8.73
CA PRO A 34 -0.72 10.18 -8.98
C PRO A 34 -1.27 9.17 -7.95
N GLN A 35 -0.46 8.16 -7.62
CA GLN A 35 -0.93 7.02 -6.84
C GLN A 35 -1.09 7.39 -5.36
N ARG A 36 -0.74 8.62 -4.94
CA ARG A 36 -1.02 9.02 -3.58
C ARG A 36 -2.50 8.81 -3.28
N ILE A 37 -3.37 9.23 -4.22
CA ILE A 37 -4.80 9.23 -3.93
C ILE A 37 -5.41 7.83 -4.16
N SER A 38 -4.94 7.10 -5.19
CA SER A 38 -5.48 5.77 -5.43
C SER A 38 -5.07 4.85 -4.28
N ARG A 39 -3.90 5.09 -3.70
CA ARG A 39 -3.44 4.25 -2.58
C ARG A 39 -4.30 4.50 -1.35
N ILE A 40 -4.61 5.76 -1.06
CA ILE A 40 -5.43 6.05 0.10
C ILE A 40 -6.81 5.41 -0.06
N PHE A 41 -7.35 5.57 -1.26
CA PHE A 41 -8.67 5.06 -1.58
C PHE A 41 -8.68 3.54 -1.43
N SER A 42 -7.64 2.87 -1.93
CA SER A 42 -7.56 1.43 -1.89
C SER A 42 -7.52 0.97 -0.42
N ARG A 43 -6.79 1.68 0.43
CA ARG A 43 -6.70 1.30 1.82
C ARG A 43 -8.07 1.42 2.52
N HIS A 44 -8.89 2.36 2.08
CA HIS A 44 -10.24 2.50 2.61
C HIS A 44 -11.06 1.27 2.23
N GLU A 45 -10.96 0.82 0.98
CA GLU A 45 -11.61 -0.39 0.53
C GLU A 45 -11.16 -1.61 1.33
N GLU A 46 -9.83 -1.78 1.42
CA GLU A 46 -9.22 -2.86 2.17
C GLU A 46 -9.67 -2.97 3.61
N LEU A 47 -9.79 -1.82 4.27
CA LEU A 47 -10.24 -1.78 5.65
C LEU A 47 -11.78 -1.83 5.75
N ARG A 48 -12.50 -1.87 4.62
CA ARG A 48 -13.97 -1.87 4.60
C ARG A 48 -14.55 -0.57 5.17
N LEU A 49 -13.82 0.55 4.97
CA LEU A 49 -14.27 1.86 5.41
C LEU A 49 -15.08 2.53 4.30
N LEU A 50 -14.69 2.28 3.03
CA LEU A 50 -15.33 2.89 1.89
C LEU A 50 -16.84 2.62 1.94
N SER A 51 -17.23 1.34 2.06
CA SER A 51 -18.62 0.94 1.99
C SER A 51 -19.42 1.59 3.12
N ARG A 52 -18.75 2.03 4.20
CA ARG A 52 -19.41 2.66 5.34
C ARG A 52 -19.62 4.16 5.12
N CYS A 53 -19.05 4.75 4.06
CA CYS A 53 -19.23 6.16 3.79
C CYS A 53 -20.27 6.35 2.69
N HIS A 54 -20.85 7.56 2.62
CA HIS A 54 -21.65 7.96 1.49
C HIS A 54 -20.71 8.60 0.46
N ARG A 55 -20.80 8.14 -0.78
CA ARG A 55 -19.90 8.64 -1.79
C ARG A 55 -20.42 9.99 -2.29
N ILE A 56 -19.61 11.04 -2.17
CA ILE A 56 -20.01 12.35 -2.65
C ILE A 56 -19.40 12.54 -4.03
N PRO A 57 -20.17 12.97 -5.06
CA PRO A 57 -19.58 13.11 -6.39
C PRO A 57 -18.55 14.22 -6.46
N ALA A 58 -17.45 13.94 -7.16
CA ALA A 58 -16.54 14.98 -7.60
C ALA A 58 -17.22 15.86 -8.64
N ARG A 59 -16.76 17.12 -8.73
CA ARG A 59 -17.04 17.97 -9.88
C ARG A 59 -15.87 18.93 -10.08
N LEU A 60 -15.85 19.59 -11.25
CA LEU A 60 -14.96 20.71 -11.50
C LEU A 60 -15.46 21.94 -10.77
N ALA A 61 -14.55 22.63 -10.06
CA ALA A 61 -14.75 24.02 -9.69
C ALA A 61 -14.92 24.88 -10.94
N THR A 62 -15.65 25.99 -10.80
CA THR A 62 -15.81 26.96 -11.87
C THR A 62 -14.79 28.08 -11.71
N GLU A 63 -14.53 28.80 -12.79
CA GLU A 63 -13.60 29.92 -12.75
C GLU A 63 -14.10 30.97 -11.77
N GLU A 64 -15.43 31.16 -11.67
CA GLU A 64 -15.97 32.10 -10.69
C GLU A 64 -15.64 31.67 -9.26
N GLU A 65 -15.73 30.37 -8.99
CA GLU A 65 -15.39 29.86 -7.67
C GLU A 65 -13.90 30.08 -7.40
N LEU A 66 -13.04 29.91 -8.38
CA LEU A 66 -11.63 30.15 -8.14
C LEU A 66 -11.38 31.59 -7.69
N ALA A 67 -12.19 32.50 -8.23
CA ALA A 67 -11.98 33.93 -8.01
C ALA A 67 -12.35 34.29 -6.57
N LEU A 68 -12.89 33.34 -5.80
CA LEU A 68 -13.12 33.57 -4.38
C LEU A 68 -11.81 33.88 -3.65
N CYS A 69 -10.70 33.28 -4.12
CA CYS A 69 -9.39 33.41 -3.47
C CYS A 69 -8.26 33.83 -4.42
N HIS A 70 -8.45 33.71 -5.75
CA HIS A 70 -7.35 33.85 -6.69
C HIS A 70 -7.65 34.96 -7.69
N SER A 71 -6.58 35.61 -8.16
CA SER A 71 -6.64 36.71 -9.12
C SER A 71 -6.97 36.17 -10.51
N SER A 72 -7.56 37.00 -11.38
CA SER A 72 -7.85 36.57 -12.75
C SER A 72 -6.58 36.14 -13.49
N LYS A 73 -5.47 36.85 -13.27
CA LYS A 73 -4.24 36.58 -13.98
C LYS A 73 -3.73 35.17 -13.65
N HIS A 74 -3.67 34.85 -12.35
CA HIS A 74 -3.31 33.51 -11.90
C HIS A 74 -4.25 32.45 -12.52
N ILE A 75 -5.56 32.62 -12.37
CA ILE A 75 -6.49 31.64 -12.91
C ILE A 75 -6.22 31.47 -14.41
N SER A 76 -6.06 32.59 -15.10
CA SER A 76 -5.87 32.57 -16.53
C SER A 76 -4.59 31.82 -16.94
N ILE A 77 -3.47 32.06 -16.25
CA ILE A 77 -2.21 31.42 -16.61
C ILE A 77 -2.31 29.91 -16.41
N ILE A 78 -2.85 29.47 -15.27
CA ILE A 78 -2.94 28.04 -15.00
C ILE A 78 -3.95 27.42 -15.95
N LYS A 79 -5.09 28.07 -16.15
CA LYS A 79 -6.04 27.61 -17.15
C LYS A 79 -5.35 27.32 -18.49
N SER A 80 -4.47 28.24 -18.93
CA SER A 80 -3.84 28.16 -20.25
C SER A 80 -2.91 26.95 -20.41
N SER A 81 -2.36 26.47 -19.28
CA SER A 81 -1.46 25.33 -19.28
C SER A 81 -2.14 24.10 -19.90
N GLU A 82 -3.47 24.01 -19.84
CA GLU A 82 -4.19 22.88 -20.43
C GLU A 82 -3.81 22.69 -21.90
N HIS A 83 -3.47 23.76 -22.61
CA HIS A 83 -3.24 23.67 -24.05
C HIS A 83 -1.78 23.92 -24.39
N MET A 84 -0.90 23.96 -23.38
CA MET A 84 0.51 24.26 -23.59
C MET A 84 1.27 23.05 -24.17
N LYS A 85 2.35 23.35 -24.89
CA LYS A 85 3.29 22.34 -25.36
C LYS A 85 4.26 22.02 -24.23
N PRO A 86 4.96 20.87 -24.28
CA PRO A 86 5.91 20.51 -23.23
C PRO A 86 6.87 21.63 -22.81
N ARG A 87 7.45 22.36 -23.76
CA ARG A 87 8.43 23.37 -23.40
C ARG A 87 7.79 24.50 -22.60
N ASP A 88 6.60 24.92 -23.04
CA ASP A 88 5.82 25.92 -22.34
C ASP A 88 5.49 25.47 -20.90
N LEU A 89 5.11 24.19 -20.73
CA LEU A 89 4.82 23.62 -19.41
C LEU A 89 6.04 23.63 -18.51
N ASN A 90 7.19 23.22 -19.08
CA ASN A 90 8.38 23.11 -18.26
C ASN A 90 8.81 24.52 -17.85
N ARG A 91 8.78 25.49 -18.77
CA ARG A 91 9.21 26.83 -18.43
C ARG A 91 8.25 27.49 -17.43
N LEU A 92 6.96 27.27 -17.61
CA LEU A 92 5.98 27.93 -16.76
C LEU A 92 6.14 27.38 -15.34
N GLY A 93 6.28 26.05 -15.25
CA GLY A 93 6.46 25.37 -13.98
C GLY A 93 7.68 25.93 -13.27
N ASP A 94 8.74 26.21 -14.05
CA ASP A 94 10.01 26.68 -13.50
C ASP A 94 9.96 28.14 -13.05
N GLU A 95 8.89 28.89 -13.37
CA GLU A 95 8.72 30.24 -12.86
C GLU A 95 8.24 30.22 -11.40
N TYR A 96 7.72 29.07 -10.94
CA TYR A 96 7.24 28.98 -9.56
C TYR A 96 8.27 28.25 -8.70
N ASN A 97 8.11 28.39 -7.39
CA ASN A 97 8.79 27.58 -6.40
C ASN A 97 8.14 26.19 -6.30
N SER A 98 8.81 25.18 -6.86
CA SER A 98 8.51 23.77 -6.64
C SER A 98 7.17 23.40 -7.26
N ILE A 99 7.07 23.57 -8.58
CA ILE A 99 5.86 23.23 -9.32
C ILE A 99 6.25 22.42 -10.55
N PHE A 100 5.45 21.38 -10.86
CA PHE A 100 5.47 20.74 -12.15
C PHE A 100 4.07 20.84 -12.73
N ILE A 101 3.98 20.95 -14.06
CA ILE A 101 2.72 21.11 -14.75
C ILE A 101 2.66 20.13 -15.91
N SER A 102 1.48 19.50 -16.08
CA SER A 102 1.17 18.74 -17.28
C SER A 102 -0.14 19.27 -17.87
N ASN A 103 -0.56 18.75 -19.03
CA ASN A 103 -1.72 19.31 -19.70
C ASN A 103 -3.00 19.07 -18.90
N GLU A 104 -2.94 18.16 -17.91
CA GLU A 104 -4.11 17.77 -17.15
C GLU A 104 -4.15 18.43 -15.77
N SER A 105 -3.13 19.23 -15.46
CA SER A 105 -2.94 19.78 -14.13
C SER A 105 -4.10 20.71 -13.74
N TYR A 106 -4.46 21.62 -14.64
CA TYR A 106 -5.52 22.58 -14.39
C TYR A 106 -6.82 21.87 -14.01
N THR A 107 -7.26 20.92 -14.85
CA THR A 107 -8.50 20.19 -14.64
C THR A 107 -8.43 19.41 -13.33
N CYS A 108 -7.25 18.82 -13.02
CA CYS A 108 -7.10 18.10 -11.75
C CYS A 108 -7.28 19.03 -10.55
N ALA A 109 -6.65 20.21 -10.59
CA ALA A 109 -6.81 21.21 -9.54
C ALA A 109 -8.28 21.64 -9.42
N LEU A 110 -9.01 21.80 -10.54
CA LEU A 110 -10.44 22.12 -10.50
C LEU A 110 -11.21 21.03 -9.77
N LEU A 111 -10.87 19.77 -10.09
CA LEU A 111 -11.51 18.59 -9.54
C LEU A 111 -11.28 18.49 -8.04
N ALA A 112 -10.05 18.79 -7.58
CA ALA A 112 -9.77 18.77 -6.15
C ALA A 112 -10.66 19.76 -5.42
N ALA A 113 -10.71 20.98 -5.94
CA ALA A 113 -11.45 22.06 -5.29
C ALA A 113 -12.95 21.76 -5.30
N GLY A 114 -13.46 21.35 -6.46
CA GLY A 114 -14.89 21.09 -6.64
C GLY A 114 -15.37 19.89 -5.83
N SER A 115 -14.47 18.91 -5.67
CA SER A 115 -14.70 17.79 -4.77
C SER A 115 -14.95 18.26 -3.36
N CYS A 116 -14.12 19.23 -2.92
CA CYS A 116 -14.22 19.75 -1.57
C CYS A 116 -15.47 20.63 -1.42
N PHE A 117 -15.86 21.36 -2.47
CA PHE A 117 -17.06 22.18 -2.39
C PHE A 117 -18.30 21.31 -2.20
N ASN A 118 -18.43 20.27 -3.02
CA ASN A 118 -19.53 19.33 -2.87
C ASN A 118 -19.52 18.75 -1.46
N SER A 119 -18.32 18.48 -0.92
CA SER A 119 -18.22 17.89 0.41
C SER A 119 -18.68 18.90 1.46
N ALA A 120 -18.24 20.15 1.33
CA ALA A 120 -18.67 21.18 2.26
C ALA A 120 -20.21 21.38 2.18
N GLN A 121 -20.77 21.33 0.98
CA GLN A 121 -22.19 21.52 0.74
C GLN A 121 -23.02 20.42 1.41
N ALA A 122 -22.50 19.19 1.35
CA ALA A 122 -23.17 18.03 1.90
C ALA A 122 -23.20 18.14 3.41
N ILE A 123 -22.09 18.63 4.01
CA ILE A 123 -21.98 18.85 5.44
C ILE A 123 -22.93 19.96 5.88
N LEU A 124 -22.95 21.06 5.12
CA LEU A 124 -23.66 22.25 5.56
C LEU A 124 -25.16 22.15 5.29
N THR A 125 -25.58 21.23 4.41
CA THR A 125 -27.00 20.99 4.16
C THR A 125 -27.51 19.82 5.00
N GLY A 126 -26.66 19.24 5.87
CA GLY A 126 -27.08 18.19 6.78
C GLY A 126 -27.18 16.81 6.12
N GLN A 127 -26.64 16.66 4.92
CA GLN A 127 -26.72 15.39 4.23
C GLN A 127 -25.70 14.40 4.78
N VAL A 128 -24.54 14.93 5.21
CA VAL A 128 -23.59 14.15 5.99
C VAL A 128 -23.17 14.98 7.20
N ARG A 129 -22.69 14.29 8.24
CA ARG A 129 -22.16 14.94 9.42
C ARG A 129 -20.77 15.52 9.15
N ASN A 130 -19.92 14.72 8.47
CA ASN A 130 -18.51 15.01 8.25
C ASN A 130 -18.07 14.32 6.96
N ALA A 131 -16.81 14.53 6.54
CA ALA A 131 -16.40 13.98 5.26
C ALA A 131 -14.89 14.01 5.12
N VAL A 132 -14.42 13.18 4.18
CA VAL A 132 -13.01 13.08 3.83
C VAL A 132 -12.91 13.29 2.32
N ALA A 133 -11.90 14.06 1.87
CA ALA A 133 -11.70 14.38 0.47
C ALA A 133 -10.29 13.92 0.07
N ILE A 134 -10.24 12.89 -0.78
CA ILE A 134 -9.00 12.26 -1.18
C ILE A 134 -8.63 12.89 -2.52
N VAL A 135 -7.90 14.00 -2.47
CA VAL A 135 -7.73 14.87 -3.62
C VAL A 135 -6.23 15.20 -3.83
N ARG A 136 -5.90 15.47 -5.10
CA ARG A 136 -4.64 16.06 -5.49
C ARG A 136 -4.85 16.76 -6.83
N PRO A 137 -4.00 17.71 -7.25
CA PRO A 137 -2.92 18.26 -6.45
C PRO A 137 -3.34 18.96 -5.15
N PRO A 138 -2.41 19.09 -4.19
CA PRO A 138 -2.67 19.82 -2.93
C PRO A 138 -2.90 21.31 -3.15
N GLY A 139 -3.20 22.03 -2.06
CA GLY A 139 -3.59 23.42 -2.16
C GLY A 139 -2.88 24.45 -1.27
N HIS A 140 -2.39 24.08 -0.07
CA HIS A 140 -2.21 25.07 0.98
C HIS A 140 -1.06 26.04 0.72
N HIS A 141 -0.11 25.68 -0.15
CA HIS A 141 0.95 26.61 -0.53
C HIS A 141 0.49 27.61 -1.61
N ALA A 142 -0.69 27.38 -2.20
CA ALA A 142 -1.12 28.20 -3.35
C ALA A 142 -1.56 29.57 -2.83
N GLU A 143 -1.01 30.60 -3.43
CA GLU A 143 -1.30 31.97 -3.05
C GLU A 143 -2.40 32.54 -3.95
N LYS A 144 -2.92 33.71 -3.55
CA LYS A 144 -3.90 34.44 -4.35
C LYS A 144 -3.41 34.55 -5.79
N ASP A 145 -2.15 34.94 -5.97
CA ASP A 145 -1.65 35.28 -7.30
C ASP A 145 -0.54 34.34 -7.80
N THR A 146 -0.24 33.22 -7.11
CA THR A 146 0.80 32.33 -7.60
C THR A 146 0.62 30.90 -7.10
N ALA A 147 1.16 29.97 -7.92
CA ALA A 147 1.32 28.58 -7.56
C ALA A 147 2.62 28.36 -6.77
N CYS A 148 2.67 27.27 -6.00
CA CYS A 148 3.80 27.05 -5.11
C CYS A 148 3.65 25.68 -4.44
N GLY A 149 4.77 24.97 -4.34
CA GLY A 149 4.86 23.81 -3.46
C GLY A 149 3.87 22.74 -3.86
N PHE A 150 3.75 22.51 -5.17
CA PHE A 150 2.97 21.43 -5.74
C PHE A 150 1.47 21.79 -5.74
N CYS A 151 1.16 23.04 -5.39
CA CYS A 151 -0.21 23.51 -5.32
C CYS A 151 -0.48 24.57 -6.38
N PHE A 152 -1.63 24.48 -7.04
CA PHE A 152 -2.10 25.46 -8.03
C PHE A 152 -3.11 26.44 -7.44
N PHE A 153 -4.18 25.90 -6.86
CA PHE A 153 -5.21 26.70 -6.22
C PHE A 153 -5.41 26.21 -4.79
N ASN A 154 -5.76 27.13 -3.89
CA ASN A 154 -5.77 26.84 -2.46
C ASN A 154 -7.13 26.23 -2.11
N THR A 155 -7.22 24.93 -2.37
CA THR A 155 -8.42 24.15 -2.19
C THR A 155 -9.13 24.44 -0.86
N ALA A 156 -8.39 24.36 0.26
CA ALA A 156 -8.99 24.57 1.57
C ALA A 156 -9.53 26.01 1.73
N ALA A 157 -8.75 27.01 1.33
CA ALA A 157 -9.17 28.40 1.41
C ALA A 157 -10.41 28.65 0.56
N LEU A 158 -10.39 28.11 -0.67
CA LEU A 158 -11.55 28.12 -1.55
C LEU A 158 -12.77 27.47 -0.91
N THR A 159 -12.57 26.34 -0.23
CA THR A 159 -13.69 25.64 0.40
C THR A 159 -14.29 26.50 1.51
N ALA A 160 -13.44 27.21 2.27
CA ALA A 160 -13.97 28.08 3.32
C ALA A 160 -14.85 29.20 2.72
N ARG A 161 -14.39 29.84 1.65
CA ARG A 161 -15.13 30.92 1.03
C ARG A 161 -16.37 30.39 0.31
N TYR A 162 -16.27 29.18 -0.24
CA TYR A 162 -17.42 28.50 -0.83
C TYR A 162 -18.48 28.28 0.25
N ALA A 163 -18.07 27.79 1.42
CA ALA A 163 -18.97 27.55 2.54
C ALA A 163 -19.68 28.85 2.95
N GLN A 164 -18.91 29.95 3.01
CA GLN A 164 -19.49 31.26 3.33
C GLN A 164 -20.52 31.64 2.27
N SER A 165 -20.21 31.37 1.00
CA SER A 165 -21.07 31.78 -0.09
C SER A 165 -22.42 31.06 -0.07
N ILE A 166 -22.51 29.85 0.52
CA ILE A 166 -23.78 29.11 0.53
C ILE A 166 -24.45 29.14 1.90
N THR A 167 -23.80 29.82 2.85
CA THR A 167 -24.39 30.01 4.16
C THR A 167 -24.55 31.51 4.41
N ARG A 168 -23.57 32.10 5.11
CA ARG A 168 -23.50 33.53 5.27
C ARG A 168 -22.04 33.94 5.27
N GLU A 169 -21.79 35.19 4.85
CA GLU A 169 -20.43 35.70 4.67
C GLU A 169 -19.57 35.49 5.91
N SER A 170 -20.17 35.64 7.10
CA SER A 170 -19.42 35.64 8.34
C SER A 170 -19.36 34.26 9.00
N LEU A 171 -19.80 33.19 8.30
CA LEU A 171 -19.71 31.83 8.82
C LEU A 171 -18.29 31.57 9.34
N ARG A 172 -18.20 31.11 10.58
CA ARG A 172 -16.92 30.94 11.26
C ARG A 172 -16.33 29.58 10.87
N VAL A 173 -15.20 29.64 10.15
CA VAL A 173 -14.50 28.48 9.63
C VAL A 173 -13.14 28.44 10.31
N LEU A 174 -12.86 27.31 10.96
CA LEU A 174 -11.54 26.94 11.43
C LEU A 174 -10.86 26.08 10.40
N ILE A 175 -9.63 26.45 10.03
CA ILE A 175 -8.78 25.63 9.20
C ILE A 175 -7.60 25.18 10.06
N VAL A 176 -7.52 23.88 10.31
CA VAL A 176 -6.39 23.34 11.04
C VAL A 176 -5.49 22.64 10.01
N ASP A 177 -4.26 23.12 9.92
CA ASP A 177 -3.30 22.67 8.93
C ASP A 177 -2.23 21.85 9.65
N TRP A 178 -2.38 20.51 9.60
CA TRP A 178 -1.42 19.64 10.27
C TRP A 178 -0.42 19.03 9.29
N ASP A 179 -0.50 19.41 8.02
CA ASP A 179 0.58 19.10 7.11
C ASP A 179 1.85 19.63 7.77
N VAL A 180 2.99 19.00 7.50
CA VAL A 180 4.22 19.32 8.21
C VAL A 180 4.75 20.70 7.75
N HIS A 181 4.31 21.13 6.57
CA HIS A 181 4.72 22.43 6.01
C HIS A 181 3.71 23.51 6.36
N HIS A 182 4.20 24.74 6.55
CA HIS A 182 3.33 25.89 6.73
C HIS A 182 2.47 26.12 5.50
N GLY A 183 1.16 26.35 5.71
CA GLY A 183 0.28 26.76 4.62
C GLY A 183 0.40 28.26 4.35
N ASN A 184 1.50 28.68 3.74
CA ASN A 184 1.75 30.09 3.46
C ASN A 184 0.55 30.74 2.76
N GLY A 185 0.04 30.05 1.74
CA GLY A 185 -1.07 30.57 0.96
C GLY A 185 -2.31 30.79 1.82
N THR A 186 -2.62 29.81 2.67
CA THR A 186 -3.84 29.91 3.46
C THR A 186 -3.68 31.03 4.48
N GLN A 187 -2.49 31.11 5.10
CA GLN A 187 -2.25 32.20 6.04
C GLN A 187 -2.54 33.54 5.34
N HIS A 188 -1.90 33.76 4.21
CA HIS A 188 -2.01 35.04 3.54
C HIS A 188 -3.46 35.37 3.15
N ILE A 189 -4.17 34.38 2.59
CA ILE A 189 -5.51 34.61 2.10
C ILE A 189 -6.40 35.11 3.23
N PHE A 190 -6.23 34.57 4.45
CA PHE A 190 -7.09 34.95 5.54
C PHE A 190 -6.40 35.85 6.57
N GLU A 191 -5.27 36.45 6.23
CA GLU A 191 -4.46 37.13 7.21
C GLU A 191 -5.22 38.32 7.83
N GLU A 192 -6.13 38.95 7.06
CA GLU A 192 -6.87 40.12 7.53
C GLU A 192 -8.32 39.80 7.89
N ASP A 193 -8.58 38.50 8.16
CA ASP A 193 -9.92 38.01 8.26
C ASP A 193 -10.14 37.36 9.62
N ASP A 194 -11.19 37.77 10.33
CA ASP A 194 -11.57 37.16 11.60
C ASP A 194 -12.68 36.11 11.40
N SER A 195 -13.16 35.92 10.16
CA SER A 195 -14.19 34.91 9.95
C SER A 195 -13.59 33.51 9.83
N VAL A 196 -12.29 33.49 9.49
CA VAL A 196 -11.56 32.26 9.19
C VAL A 196 -10.32 32.19 10.07
N LEU A 197 -10.38 31.32 11.07
CA LEU A 197 -9.28 31.11 11.99
C LEU A 197 -8.35 30.07 11.40
N TYR A 198 -7.10 30.47 11.17
CA TYR A 198 -6.10 29.59 10.60
C TYR A 198 -5.16 29.14 11.73
N ILE A 199 -5.10 27.82 11.97
CA ILE A 199 -4.12 27.22 12.89
C ILE A 199 -3.25 26.22 12.12
N SER A 200 -1.94 26.50 12.10
CA SER A 200 -0.97 25.62 11.47
C SER A 200 0.07 25.12 12.48
N LEU A 201 0.29 23.80 12.45
CA LEU A 201 1.46 23.15 13.03
C LEU A 201 2.40 22.83 11.88
N HIS A 202 3.69 23.11 12.06
CA HIS A 202 4.65 22.93 10.98
C HIS A 202 6.09 22.89 11.49
N ARG A 203 6.90 22.08 10.82
CA ARG A 203 8.35 22.16 10.96
C ARG A 203 8.85 23.47 10.35
N TYR A 204 9.57 24.23 11.18
CA TYR A 204 9.98 25.59 10.83
C TYR A 204 11.50 25.68 10.70
N GLU A 205 12.19 25.30 11.77
CA GLU A 205 13.65 25.25 11.80
C GLU A 205 14.21 26.67 11.57
N ASP A 206 13.67 27.61 12.31
CA ASP A 206 14.06 29.02 12.21
C ASP A 206 14.00 29.50 10.77
N GLY A 207 13.03 28.97 10.01
CA GLY A 207 12.78 29.44 8.66
C GLY A 207 13.57 28.69 7.59
N ALA A 208 14.29 27.63 7.98
CA ALA A 208 15.12 26.88 7.06
C ALA A 208 14.30 25.79 6.34
N PHE A 209 13.10 25.47 6.85
CA PHE A 209 12.31 24.38 6.26
C PHE A 209 11.31 24.96 5.25
N PHE A 210 11.11 24.25 4.12
CA PHE A 210 10.14 24.66 3.09
C PHE A 210 8.82 25.07 3.75
N PRO A 211 8.18 26.20 3.38
CA PRO A 211 8.60 27.09 2.29
C PRO A 211 9.55 28.25 2.61
N ASN A 212 10.25 28.16 3.74
CA ASN A 212 11.47 28.94 3.95
C ASN A 212 11.20 30.40 4.21
N SER A 213 10.12 30.70 4.95
CA SER A 213 9.71 32.07 5.21
C SER A 213 9.42 32.25 6.70
N GLU A 214 9.84 33.41 7.24
CA GLU A 214 9.58 33.74 8.63
C GLU A 214 8.12 34.10 8.89
N ASP A 215 7.32 34.17 7.84
CA ASP A 215 5.88 34.28 7.99
C ASP A 215 5.30 33.15 8.84
N ALA A 216 5.96 31.98 8.81
CA ALA A 216 5.53 30.78 9.53
C ALA A 216 5.82 30.83 11.05
N ASN A 217 6.46 31.91 11.55
CA ASN A 217 6.82 31.96 12.97
C ASN A 217 5.62 32.30 13.84
N TYR A 218 5.73 32.01 15.15
CA TYR A 218 4.60 32.12 16.05
C TYR A 218 4.14 33.59 16.23
N ASP A 219 4.97 34.57 15.89
CA ASP A 219 4.63 35.96 16.17
C ASP A 219 3.76 36.55 15.05
N LYS A 220 3.47 35.77 14.00
CA LYS A 220 2.52 36.24 13.00
C LYS A 220 1.13 35.82 13.46
N VAL A 221 0.40 36.79 14.00
CA VAL A 221 -0.84 36.52 14.68
C VAL A 221 -2.02 37.02 13.85
N GLY A 222 -1.75 37.49 12.63
CA GLY A 222 -2.79 38.08 11.81
C GLY A 222 -2.67 39.61 11.74
N LEU A 223 -3.38 40.22 10.78
CA LEU A 223 -3.28 41.65 10.51
C LEU A 223 -4.68 42.26 10.55
N GLY A 224 -4.78 43.50 11.06
CA GLY A 224 -6.02 44.24 10.95
C GLY A 224 -7.12 43.56 11.74
N LYS A 225 -8.31 43.36 11.15
CA LYS A 225 -9.36 42.70 11.93
C LYS A 225 -8.99 41.22 12.11
N GLY A 226 -8.00 40.72 11.36
CA GLY A 226 -7.57 39.33 11.51
C GLY A 226 -6.58 39.12 12.66
N ARG A 227 -6.33 40.15 13.48
CA ARG A 227 -5.35 40.03 14.55
C ARG A 227 -5.86 39.08 15.61
N GLY A 228 -5.08 38.03 15.88
CA GLY A 228 -5.46 36.94 16.77
C GLY A 228 -6.06 35.71 16.06
N TYR A 229 -6.30 35.79 14.73
CA TYR A 229 -6.99 34.74 14.02
C TYR A 229 -6.05 33.96 13.07
N ASN A 230 -4.74 34.11 13.32
CA ASN A 230 -3.72 33.35 12.65
C ASN A 230 -2.82 32.78 13.74
N VAL A 231 -2.79 31.44 13.86
CA VAL A 231 -2.05 30.76 14.91
C VAL A 231 -1.05 29.84 14.24
N ASN A 232 0.23 30.21 14.37
CA ASN A 232 1.34 29.41 13.89
C ASN A 232 2.02 28.70 15.07
N ILE A 233 2.19 27.36 14.93
CA ILE A 233 2.91 26.55 15.88
C ILE A 233 4.13 25.98 15.19
N PRO A 234 5.27 26.70 15.21
CA PRO A 234 6.49 26.26 14.53
C PRO A 234 7.35 25.37 15.42
N TRP A 235 7.80 24.25 14.85
CA TRP A 235 8.71 23.32 15.52
C TRP A 235 10.13 23.54 15.04
N ASN A 236 11.04 23.45 16.00
CA ASN A 236 12.45 23.62 15.74
C ASN A 236 13.23 22.53 16.48
N GLY A 237 14.28 22.02 15.82
CA GLY A 237 15.32 21.19 16.42
C GLY A 237 14.72 20.03 17.20
N GLY A 238 14.06 19.12 16.48
CA GLY A 238 13.34 18.03 17.14
C GLY A 238 12.55 17.23 16.11
N LYS A 239 12.57 15.91 16.31
CA LYS A 239 11.91 14.96 15.44
C LYS A 239 10.53 14.76 16.05
N MET A 240 9.64 15.73 15.81
CA MET A 240 8.41 15.84 16.57
C MET A 240 7.54 14.67 16.18
N GLY A 241 6.69 14.24 17.12
CA GLY A 241 5.74 13.16 16.91
C GLY A 241 4.54 13.33 17.81
N ASP A 242 3.90 12.20 18.15
CA ASP A 242 2.59 12.21 18.76
C ASP A 242 2.59 12.98 20.09
N PRO A 243 3.66 12.94 20.93
CA PRO A 243 3.60 13.66 22.20
C PRO A 243 3.51 15.17 21.99
N GLU A 244 4.31 15.69 21.04
CA GLU A 244 4.35 17.11 20.76
C GLU A 244 3.03 17.60 20.15
N TYR A 245 2.46 16.82 19.23
CA TYR A 245 1.21 17.18 18.59
C TYR A 245 0.06 17.11 19.60
N MET A 246 0.06 16.08 20.46
CA MET A 246 -0.99 15.97 21.46
C MET A 246 -0.92 17.17 22.42
N ALA A 247 0.30 17.60 22.75
CA ALA A 247 0.51 18.72 23.65
C ALA A 247 0.05 20.03 23.02
N ALA A 248 0.40 20.23 21.76
CA ALA A 248 -0.07 21.39 21.02
C ALA A 248 -1.60 21.44 20.93
N PHE A 249 -2.29 20.31 20.72
CA PHE A 249 -3.74 20.30 20.68
C PHE A 249 -4.35 20.65 22.04
N HIS A 250 -3.75 20.12 23.11
CA HIS A 250 -4.25 20.30 24.46
C HIS A 250 -4.11 21.76 24.91
N HIS A 251 -2.92 22.31 24.76
CA HIS A 251 -2.61 23.64 25.24
C HIS A 251 -3.02 24.77 24.29
N LEU A 252 -3.12 24.51 22.97
CA LEU A 252 -3.32 25.60 22.01
C LEU A 252 -4.51 25.39 21.08
N VAL A 253 -4.48 24.30 20.29
CA VAL A 253 -5.42 24.15 19.19
C VAL A 253 -6.82 24.07 19.74
N MET A 254 -7.03 23.19 20.74
CA MET A 254 -8.38 22.96 21.20
C MET A 254 -8.89 24.17 22.01
N PRO A 255 -8.14 24.72 22.99
CA PRO A 255 -8.61 25.91 23.72
C PRO A 255 -8.99 27.06 22.78
N ILE A 256 -8.14 27.38 21.80
CA ILE A 256 -8.41 28.48 20.87
C ILE A 256 -9.66 28.14 20.04
N ALA A 257 -9.76 26.89 19.57
CA ALA A 257 -10.86 26.49 18.70
C ALA A 257 -12.19 26.60 19.42
N ARG A 258 -12.25 26.08 20.65
CA ARG A 258 -13.47 26.11 21.44
C ARG A 258 -13.98 27.54 21.66
N GLU A 259 -13.03 28.44 21.93
CA GLU A 259 -13.38 29.83 22.15
C GLU A 259 -13.84 30.51 20.86
N PHE A 260 -13.22 30.19 19.72
CA PHE A 260 -13.68 30.67 18.42
C PHE A 260 -15.06 30.13 18.05
N ALA A 261 -15.43 28.91 18.49
CA ALA A 261 -16.73 28.31 18.21
C ALA A 261 -16.97 28.25 16.70
N PRO A 262 -16.14 27.51 15.94
CA PRO A 262 -16.36 27.38 14.50
C PRO A 262 -17.71 26.75 14.21
N GLU A 263 -18.26 27.13 13.04
CA GLU A 263 -19.45 26.53 12.49
C GLU A 263 -19.07 25.45 11.48
N LEU A 264 -17.80 25.45 11.04
CA LEU A 264 -17.27 24.43 10.14
C LEU A 264 -15.77 24.29 10.40
N VAL A 265 -15.26 23.06 10.37
CA VAL A 265 -13.84 22.79 10.54
C VAL A 265 -13.34 22.13 9.25
N LEU A 266 -12.35 22.76 8.65
CA LEU A 266 -11.62 22.15 7.56
C LEU A 266 -10.26 21.74 8.08
N VAL A 267 -9.83 20.53 7.70
CA VAL A 267 -8.50 20.08 8.02
C VAL A 267 -7.70 20.05 6.74
N SER A 268 -6.69 20.92 6.69
CA SER A 268 -5.61 20.80 5.73
C SER A 268 -4.74 19.63 6.18
N ALA A 269 -5.18 18.42 5.77
CA ALA A 269 -4.68 17.16 6.30
C ALA A 269 -3.57 16.60 5.40
N GLY A 270 -2.39 17.21 5.48
CA GLY A 270 -1.20 16.59 4.93
C GLY A 270 -0.77 15.47 5.86
N PHE A 271 -0.18 14.40 5.32
CA PHE A 271 0.33 13.35 6.18
C PHE A 271 1.83 13.23 5.99
N ASP A 272 2.48 14.38 5.80
CA ASP A 272 3.92 14.37 5.71
C ASP A 272 4.60 14.55 7.06
N ALA A 273 3.86 14.75 8.17
CA ALA A 273 4.51 14.68 9.48
C ALA A 273 4.57 13.24 9.96
N ALA A 274 4.08 12.30 9.13
CA ALA A 274 3.98 10.88 9.47
C ALA A 274 5.33 10.20 9.55
N ARG A 275 5.45 9.29 10.53
N ARG A 275 5.44 9.30 10.53
CA ARG A 275 6.53 8.33 10.55
CA ARG A 275 6.46 8.26 10.54
C ARG A 275 6.66 7.69 9.17
C ARG A 275 6.64 7.71 9.13
N GLY A 276 7.88 7.80 8.63
CA GLY A 276 8.26 7.21 7.35
C GLY A 276 8.16 8.15 6.15
N ASP A 277 7.71 9.39 6.36
CA ASP A 277 7.62 10.30 5.23
C ASP A 277 9.04 10.57 4.74
N PRO A 278 9.29 10.62 3.42
CA PRO A 278 10.63 10.97 2.94
C PRO A 278 11.08 12.44 3.06
N LEU A 279 10.15 13.37 3.32
CA LEU A 279 10.45 14.80 3.36
C LEU A 279 10.34 15.38 4.76
N GLY A 280 9.34 14.96 5.56
CA GLY A 280 9.00 15.66 6.80
C GLY A 280 9.99 15.47 7.95
N GLY A 281 10.54 14.26 8.12
CA GLY A 281 11.50 14.02 9.18
C GLY A 281 10.84 13.83 10.55
N PHE A 282 9.52 13.63 10.55
CA PHE A 282 8.75 13.57 11.79
C PHE A 282 8.17 12.16 11.96
N GLN A 283 7.47 11.96 13.09
CA GLN A 283 7.06 10.61 13.47
C GLN A 283 5.68 10.55 14.11
N VAL A 284 4.75 11.36 13.58
CA VAL A 284 3.36 11.22 13.97
C VAL A 284 2.87 9.86 13.44
N THR A 285 2.05 9.17 14.23
CA THR A 285 1.61 7.82 13.92
C THR A 285 0.18 7.87 13.41
N PRO A 286 -0.30 6.79 12.74
CA PRO A 286 -1.70 6.73 12.33
C PRO A 286 -2.63 6.96 13.53
N GLU A 287 -2.26 6.42 14.67
CA GLU A 287 -3.07 6.52 15.88
C GLU A 287 -3.07 7.96 16.37
N GLY A 288 -1.93 8.63 16.24
CA GLY A 288 -1.84 10.05 16.55
C GLY A 288 -2.81 10.88 15.70
N TYR A 289 -2.82 10.62 14.39
CA TYR A 289 -3.70 11.36 13.51
C TYR A 289 -5.16 11.05 13.84
N ALA A 290 -5.44 9.83 14.30
CA ALA A 290 -6.79 9.50 14.73
C ALA A 290 -7.18 10.34 15.95
N HIS A 291 -6.27 10.47 16.93
CA HIS A 291 -6.61 11.25 18.12
C HIS A 291 -6.82 12.72 17.76
N LEU A 292 -5.97 13.26 16.88
CA LEU A 292 -6.15 14.63 16.42
C LEU A 292 -7.53 14.78 15.80
N THR A 293 -7.91 13.86 14.91
CA THR A 293 -9.21 13.93 14.26
C THR A 293 -10.35 13.86 15.30
N HIS A 294 -10.27 12.87 16.19
CA HIS A 294 -11.27 12.70 17.25
C HIS A 294 -11.48 13.99 18.04
N GLN A 295 -10.39 14.70 18.39
CA GLN A 295 -10.47 15.97 19.08
C GLN A 295 -11.24 17.00 18.26
N LEU A 296 -10.91 17.15 16.97
CA LEU A 296 -11.57 18.15 16.17
C LEU A 296 -13.08 17.86 16.05
N MET A 297 -13.48 16.60 16.19
CA MET A 297 -14.87 16.21 15.97
C MET A 297 -15.80 16.78 17.07
N SER A 298 -15.22 17.23 18.20
CA SER A 298 -15.94 17.88 19.28
C SER A 298 -16.28 19.34 18.95
N LEU A 299 -15.81 19.85 17.80
CA LEU A 299 -16.13 21.19 17.37
C LEU A 299 -17.21 21.19 16.29
N ALA A 300 -17.88 22.34 16.18
CA ALA A 300 -18.78 22.66 15.08
C ALA A 300 -19.87 21.61 14.92
N ALA A 301 -20.34 21.07 16.05
CA ALA A 301 -21.39 20.06 16.06
C ALA A 301 -20.97 18.90 15.17
N GLY A 302 -19.65 18.66 15.10
CA GLY A 302 -19.08 17.56 14.34
C GLY A 302 -18.92 17.84 12.84
N ARG A 303 -19.10 19.08 12.37
CA ARG A 303 -19.00 19.40 10.95
C ARG A 303 -17.53 19.59 10.55
N VAL A 304 -16.93 18.49 10.13
CA VAL A 304 -15.50 18.41 9.85
C VAL A 304 -15.29 17.82 8.46
N LEU A 305 -14.52 18.55 7.64
CA LEU A 305 -14.06 18.09 6.37
C LEU A 305 -12.55 17.92 6.37
N ILE A 306 -12.10 16.69 6.14
CA ILE A 306 -10.68 16.39 6.06
C ILE A 306 -10.25 16.38 4.59
N ILE A 307 -9.32 17.29 4.27
CA ILE A 307 -8.84 17.55 2.93
C ILE A 307 -7.38 17.10 2.81
N LEU A 308 -7.08 16.20 1.86
CA LEU A 308 -5.70 15.74 1.67
C LEU A 308 -4.85 16.91 1.16
N GLU A 309 -3.71 17.11 1.83
CA GLU A 309 -2.68 18.04 1.37
C GLU A 309 -1.48 17.23 0.92
N GLY A 310 -0.38 17.29 1.67
CA GLY A 310 0.83 16.58 1.28
C GLY A 310 0.91 15.22 1.98
N GLY A 311 2.13 14.69 2.10
CA GLY A 311 2.32 13.32 2.57
C GLY A 311 2.75 12.39 1.43
N TYR A 312 3.94 11.80 1.56
CA TYR A 312 4.58 11.19 0.41
C TYR A 312 4.98 9.73 0.62
N ASN A 313 4.92 9.17 1.85
CA ASN A 313 5.06 7.73 2.01
C ASN A 313 3.70 7.10 1.75
N LEU A 314 3.57 6.44 0.57
CA LEU A 314 2.28 5.90 0.14
C LEU A 314 1.66 5.01 1.22
N THR A 315 2.47 4.20 1.88
CA THR A 315 1.94 3.34 2.94
C THR A 315 1.51 4.20 4.13
N SER A 316 2.35 5.15 4.54
CA SER A 316 2.06 5.97 5.73
C SER A 316 0.79 6.80 5.53
N ILE A 317 0.61 7.39 4.35
CA ILE A 317 -0.49 8.30 4.16
C ILE A 317 -1.78 7.48 4.05
N SER A 318 -1.70 6.28 3.48
CA SER A 318 -2.86 5.42 3.35
C SER A 318 -3.35 4.99 4.72
N GLU A 319 -2.42 4.56 5.56
CA GLU A 319 -2.80 4.14 6.91
C GLU A 319 -3.33 5.34 7.72
N SER A 320 -2.65 6.48 7.61
CA SER A 320 -2.93 7.63 8.44
C SER A 320 -4.29 8.24 8.08
N MET A 321 -4.55 8.45 6.79
CA MET A 321 -5.81 9.05 6.40
C MET A 321 -6.98 8.08 6.65
N SER A 322 -6.80 6.77 6.39
N SER A 322 -6.80 6.78 6.37
CA SER A 322 -7.88 5.82 6.61
CA SER A 322 -7.85 5.79 6.64
C SER A 322 -8.25 5.77 8.11
C SER A 322 -8.26 5.84 8.11
N MET A 323 -7.27 5.94 8.99
CA MET A 323 -7.53 6.02 10.41
C MET A 323 -8.37 7.28 10.75
N CYS A 324 -8.17 8.38 10.02
CA CYS A 324 -8.94 9.58 10.26
C CYS A 324 -10.40 9.31 9.92
N THR A 325 -10.65 8.66 8.77
CA THR A 325 -11.99 8.36 8.31
C THR A 325 -12.66 7.45 9.34
N SER A 326 -11.88 6.53 9.89
CA SER A 326 -12.40 5.62 10.89
C SER A 326 -12.90 6.42 12.09
N MET A 327 -12.17 7.48 12.45
CA MET A 327 -12.62 8.37 13.53
C MET A 327 -13.90 9.11 13.14
N LEU A 328 -13.96 9.65 11.92
CA LEU A 328 -15.17 10.35 11.48
C LEU A 328 -16.40 9.45 11.56
N LEU A 329 -16.19 8.14 11.28
CA LEU A 329 -17.26 7.16 11.17
C LEU A 329 -17.75 6.78 12.56
N GLY A 330 -17.03 7.28 13.57
CA GLY A 330 -17.44 7.12 14.95
C GLY A 330 -16.74 5.95 15.64
N ASP A 331 -15.74 5.30 15.01
CA ASP A 331 -15.01 4.22 15.67
C ASP A 331 -14.21 4.79 16.84
N SER A 332 -13.98 3.97 17.88
CA SER A 332 -13.36 4.50 19.09
C SER A 332 -11.86 4.65 18.86
N PRO A 333 -11.24 5.71 19.43
CA PRO A 333 -9.84 6.01 19.18
C PRO A 333 -8.90 4.88 19.57
N PRO A 334 -7.89 4.53 18.74
CA PRO A 334 -6.94 3.48 19.09
C PRO A 334 -6.04 4.03 20.18
N SER A 335 -5.36 3.12 20.90
CA SER A 335 -4.40 3.50 21.93
C SER A 335 -3.15 4.08 21.27
N LEU A 336 -2.58 5.12 21.87
CA LEU A 336 -1.30 5.66 21.45
C LEU A 336 -0.20 4.79 22.05
N ASP A 337 0.97 4.79 21.41
CA ASP A 337 2.18 4.21 21.98
C ASP A 337 2.55 5.06 23.19
N HIS A 338 3.60 4.61 23.89
CA HIS A 338 4.10 5.30 25.06
C HIS A 338 4.58 6.70 24.64
N LEU A 339 3.93 7.73 25.21
CA LEU A 339 4.27 9.12 24.99
C LEU A 339 5.57 9.48 25.71
N THR A 340 6.70 9.33 25.00
CA THR A 340 8.00 9.74 25.50
C THR A 340 7.88 11.14 26.09
N PRO A 341 8.78 11.55 27.02
CA PRO A 341 8.78 12.91 27.51
C PRO A 341 8.69 13.86 26.32
N LEU A 342 7.88 14.90 26.46
CA LEU A 342 7.79 15.96 25.48
C LEU A 342 9.19 16.52 25.22
N LYS A 343 9.55 16.72 23.95
CA LYS A 343 10.83 17.30 23.61
C LYS A 343 10.88 18.77 24.01
N THR A 344 12.09 19.23 24.36
CA THR A 344 12.31 20.46 25.09
C THR A 344 11.89 21.65 24.22
N SER A 345 12.47 21.70 23.01
CA SER A 345 12.20 22.79 22.07
C SER A 345 10.72 22.87 21.74
N ALA A 346 9.97 21.78 21.93
CA ALA A 346 8.55 21.74 21.69
C ALA A 346 7.79 22.53 22.76
N THR A 347 8.21 22.36 24.03
CA THR A 347 7.67 23.13 25.13
C THR A 347 7.90 24.61 24.85
N VAL A 348 9.10 24.92 24.39
CA VAL A 348 9.49 26.28 24.06
C VAL A 348 8.61 26.85 22.94
N SER A 349 8.35 26.04 21.91
CA SER A 349 7.44 26.44 20.85
C SER A 349 6.04 26.71 21.42
N ILE A 350 5.54 25.81 22.28
CA ILE A 350 4.18 25.94 22.76
C ILE A 350 4.03 27.18 23.66
N ASN A 351 5.10 27.48 24.42
CA ASN A 351 5.12 28.61 25.33
C ASN A 351 5.12 29.92 24.56
N ASN A 352 5.98 30.00 23.54
CA ASN A 352 6.02 31.16 22.65
C ASN A 352 4.64 31.45 22.04
N VAL A 353 3.94 30.39 21.60
CA VAL A 353 2.64 30.61 20.97
C VAL A 353 1.64 31.05 22.03
N LEU A 354 1.73 30.45 23.23
CA LEU A 354 0.83 30.81 24.31
C LEU A 354 0.93 32.29 24.61
N ARG A 355 2.15 32.82 24.59
CA ARG A 355 2.42 34.21 24.91
C ARG A 355 2.00 35.09 23.75
N ALA A 356 2.15 34.61 22.51
CA ALA A 356 1.75 35.40 21.36
C ALA A 356 0.22 35.55 21.29
N HIS A 357 -0.53 34.56 21.80
CA HIS A 357 -1.97 34.50 21.59
C HIS A 357 -2.77 34.77 22.86
N ALA A 358 -2.12 34.78 24.03
CA ALA A 358 -2.82 35.06 25.27
C ALA A 358 -3.55 36.42 25.20
N PRO A 359 -2.98 37.46 24.54
CA PRO A 359 -3.71 38.70 24.27
C PRO A 359 -5.08 38.54 23.64
N PHE A 360 -5.27 37.51 22.81
CA PHE A 360 -6.47 37.43 22.00
C PHE A 360 -7.43 36.37 22.49
N TRP A 361 -6.94 35.40 23.26
CA TRP A 361 -7.74 34.25 23.64
C TRP A 361 -7.67 34.10 25.15
N SER A 362 -8.80 34.35 25.83
CA SER A 362 -8.83 34.35 27.29
C SER A 362 -8.59 32.92 27.82
N SER A 363 -9.02 31.91 27.05
CA SER A 363 -8.83 30.52 27.44
C SER A 363 -7.35 30.18 27.62
N LEU A 364 -6.44 31.01 27.10
CA LEU A 364 -5.00 30.79 27.19
C LEU A 364 -4.40 31.38 28.46
N ARG A 365 -5.12 32.20 29.22
CA ARG A 365 -4.46 32.93 30.30
C ARG A 365 -4.43 32.12 31.61
N ILE B 10 24.51 -11.14 -1.39
CA ILE B 10 23.90 -10.57 -2.63
C ILE B 10 22.59 -11.30 -2.99
N THR B 11 21.48 -10.54 -2.97
CA THR B 11 20.14 -11.03 -3.25
C THR B 11 19.67 -10.49 -4.60
N GLY B 12 19.13 -11.37 -5.44
CA GLY B 12 18.58 -10.92 -6.70
C GLY B 12 17.12 -10.53 -6.54
N LEU B 13 16.64 -9.66 -7.44
CA LEU B 13 15.24 -9.32 -7.53
C LEU B 13 14.89 -9.19 -8.99
N VAL B 14 13.80 -9.86 -9.37
CA VAL B 14 13.26 -9.66 -10.70
C VAL B 14 11.83 -9.15 -10.56
N TYR B 15 11.55 -8.14 -11.38
CA TYR B 15 10.27 -7.48 -11.44
C TYR B 15 10.22 -6.81 -12.81
N ASP B 16 9.12 -7.03 -13.54
CA ASP B 16 8.91 -6.36 -14.80
C ASP B 16 7.44 -5.93 -14.89
N GLN B 17 7.21 -4.62 -15.06
CA GLN B 17 5.87 -4.08 -15.04
C GLN B 17 5.03 -4.56 -16.23
N ARG B 18 5.65 -5.10 -17.29
CA ARG B 18 4.87 -5.68 -18.37
C ARG B 18 3.98 -6.82 -17.90
N MET B 19 4.33 -7.47 -16.77
CA MET B 19 3.53 -8.55 -16.22
C MET B 19 2.18 -8.04 -15.70
N MET B 20 2.04 -6.72 -15.57
CA MET B 20 0.77 -6.12 -15.18
C MET B 20 -0.26 -6.17 -16.30
N LEU B 21 0.14 -6.42 -17.55
CA LEU B 21 -0.78 -6.27 -18.68
C LEU B 21 -1.85 -7.36 -18.73
N HIS B 22 -1.57 -8.53 -18.14
CA HIS B 22 -2.55 -9.57 -17.92
C HIS B 22 -3.68 -9.00 -17.06
N HIS B 23 -4.90 -9.05 -17.59
CA HIS B 23 -6.03 -8.42 -16.92
C HIS B 23 -7.36 -9.09 -17.26
N ASN B 24 -8.33 -8.82 -16.36
CA ASN B 24 -9.68 -9.34 -16.45
C ASN B 24 -10.57 -8.27 -17.06
N MET B 25 -10.99 -8.47 -18.30
CA MET B 25 -11.62 -7.37 -19.00
C MET B 25 -13.09 -7.26 -18.58
N TRP B 26 -13.72 -8.34 -18.10
CA TRP B 26 -15.12 -8.33 -17.64
C TRP B 26 -15.22 -7.86 -16.18
N ASP B 27 -14.23 -8.18 -15.37
CA ASP B 27 -14.26 -7.91 -13.94
C ASP B 27 -12.91 -7.32 -13.53
N SER B 28 -12.76 -6.01 -13.67
CA SER B 28 -11.50 -5.35 -13.39
C SER B 28 -11.16 -5.33 -11.89
N HIS B 29 -12.08 -5.78 -11.03
CA HIS B 29 -11.83 -5.83 -9.60
C HIS B 29 -11.53 -7.26 -9.18
N HIS B 30 -11.39 -8.18 -10.14
CA HIS B 30 -10.97 -9.53 -9.81
C HIS B 30 -9.72 -9.48 -8.94
N PRO B 31 -9.66 -10.27 -7.84
CA PRO B 31 -8.56 -10.11 -6.88
C PRO B 31 -7.16 -10.38 -7.41
N GLU B 32 -7.00 -11.10 -8.54
CA GLU B 32 -5.67 -11.34 -9.10
C GLU B 32 -5.30 -10.14 -9.97
N LEU B 33 -5.04 -9.01 -9.31
CA LEU B 33 -4.92 -7.71 -9.92
C LEU B 33 -3.51 -7.49 -10.50
N PRO B 34 -3.39 -6.73 -11.60
CA PRO B 34 -2.10 -6.21 -12.06
C PRO B 34 -1.27 -5.62 -10.92
N GLN B 35 -1.90 -4.84 -10.04
CA GLN B 35 -1.19 -4.05 -9.06
C GLN B 35 -0.69 -4.90 -7.88
N ARG B 36 -0.99 -6.21 -7.87
CA ARG B 36 -0.32 -7.08 -6.92
C ARG B 36 1.21 -6.93 -7.03
N ILE B 37 1.76 -7.00 -8.25
CA ILE B 37 3.21 -6.95 -8.39
C ILE B 37 3.75 -5.51 -8.23
N SER B 38 3.07 -4.49 -8.79
CA SER B 38 3.57 -3.12 -8.64
C SER B 38 3.55 -2.74 -7.16
N ARG B 39 2.58 -3.26 -6.41
CA ARG B 39 2.51 -2.89 -4.99
C ARG B 39 3.65 -3.50 -4.18
N ILE B 40 3.97 -4.77 -4.46
CA ILE B 40 5.08 -5.42 -3.79
C ILE B 40 6.37 -4.69 -4.14
N PHE B 41 6.55 -4.40 -5.42
CA PHE B 41 7.75 -3.70 -5.85
C PHE B 41 7.87 -2.38 -5.09
N SER B 42 6.76 -1.62 -5.03
CA SER B 42 6.75 -0.29 -4.43
C SER B 42 7.19 -0.38 -2.97
N ARG B 43 6.70 -1.42 -2.27
CA ARG B 43 6.97 -1.59 -0.86
C ARG B 43 8.46 -1.88 -0.64
N HIS B 44 9.08 -2.56 -1.60
CA HIS B 44 10.50 -2.79 -1.57
C HIS B 44 11.25 -1.44 -1.68
N GLU B 45 10.84 -0.57 -2.60
CA GLU B 45 11.45 0.76 -2.73
C GLU B 45 11.30 1.56 -1.43
N GLU B 46 10.05 1.62 -0.93
CA GLU B 46 9.71 2.31 0.31
C GLU B 46 10.54 1.88 1.51
N LEU B 47 10.82 0.58 1.61
CA LEU B 47 11.62 0.08 2.71
C LEU B 47 13.11 0.17 2.38
N ARG B 48 13.46 0.63 1.17
CA ARG B 48 14.84 0.73 0.72
C ARG B 48 15.53 -0.63 0.62
N LEU B 49 14.73 -1.66 0.29
CA LEU B 49 15.24 -3.01 0.04
C LEU B 49 15.66 -3.12 -1.44
N LEU B 50 14.95 -2.42 -2.34
CA LEU B 50 15.18 -2.57 -3.76
C LEU B 50 16.64 -2.28 -4.12
N SER B 51 17.13 -1.12 -3.67
CA SER B 51 18.49 -0.65 -3.94
C SER B 51 19.53 -1.62 -3.38
N ARG B 52 19.16 -2.43 -2.36
CA ARG B 52 20.09 -3.38 -1.77
C ARG B 52 20.17 -4.71 -2.54
N CYS B 53 19.26 -4.93 -3.49
CA CYS B 53 19.27 -6.15 -4.28
C CYS B 53 19.96 -5.92 -5.63
N HIS B 54 20.40 -7.01 -6.25
CA HIS B 54 20.88 -6.95 -7.62
C HIS B 54 19.71 -7.29 -8.54
N ARG B 55 19.43 -6.39 -9.47
CA ARG B 55 18.26 -6.53 -10.33
C ARG B 55 18.55 -7.55 -11.44
N ILE B 56 17.70 -8.57 -11.55
CA ILE B 56 17.83 -9.60 -12.57
C ILE B 56 16.83 -9.30 -13.67
N PRO B 57 17.23 -9.29 -14.95
CA PRO B 57 16.27 -8.97 -16.00
C PRO B 57 15.24 -10.08 -16.16
N ALA B 58 14.03 -9.68 -16.51
CA ALA B 58 13.00 -10.60 -16.92
C ALA B 58 13.33 -11.05 -18.33
N ARG B 59 12.89 -12.26 -18.72
CA ARG B 59 12.87 -12.62 -20.12
C ARG B 59 11.65 -13.52 -20.33
N LEU B 60 11.33 -13.76 -21.61
CA LEU B 60 10.33 -14.72 -22.01
C LEU B 60 10.87 -16.14 -21.91
N ALA B 61 10.07 -17.01 -21.31
CA ALA B 61 10.28 -18.44 -21.45
C ALA B 61 10.10 -18.79 -22.91
N THR B 62 10.79 -19.86 -23.33
CA THR B 62 10.66 -20.37 -24.70
C THR B 62 9.64 -21.48 -24.69
N GLU B 63 9.05 -21.78 -25.86
CA GLU B 63 8.14 -22.91 -25.99
C GLU B 63 8.82 -24.22 -25.58
N GLU B 64 10.11 -24.35 -25.90
CA GLU B 64 10.85 -25.55 -25.51
C GLU B 64 10.91 -25.66 -23.99
N GLU B 65 11.13 -24.54 -23.30
CA GLU B 65 11.19 -24.54 -21.85
C GLU B 65 9.81 -24.89 -21.28
N LEU B 66 8.75 -24.34 -21.85
CA LEU B 66 7.39 -24.69 -21.41
C LEU B 66 7.15 -26.20 -21.47
N ALA B 67 7.72 -26.86 -22.50
CA ALA B 67 7.53 -28.28 -22.75
C ALA B 67 8.22 -29.14 -21.70
N LEU B 68 9.11 -28.53 -20.90
CA LEU B 68 9.66 -29.21 -19.74
C LEU B 68 8.56 -29.75 -18.83
N CYS B 69 7.42 -29.06 -18.76
CA CYS B 69 6.37 -29.47 -17.83
C CYS B 69 5.00 -29.58 -18.49
N HIS B 70 4.82 -28.95 -19.65
CA HIS B 70 3.50 -28.81 -20.24
C HIS B 70 3.42 -29.55 -21.57
N SER B 71 2.20 -29.98 -21.89
CA SER B 71 1.84 -30.65 -23.13
C SER B 71 1.82 -29.64 -24.26
N SER B 72 2.13 -30.11 -25.48
CA SER B 72 2.12 -29.25 -26.65
C SER B 72 0.73 -28.66 -26.87
N LYS B 73 -0.30 -29.43 -26.59
CA LYS B 73 -1.68 -28.99 -26.81
C LYS B 73 -1.95 -27.78 -25.93
N HIS B 74 -1.65 -27.90 -24.64
CA HIS B 74 -1.86 -26.83 -23.68
C HIS B 74 -1.09 -25.55 -24.08
N ILE B 75 0.21 -25.71 -24.40
CA ILE B 75 1.00 -24.58 -24.84
C ILE B 75 0.35 -23.94 -26.06
N SER B 76 -0.15 -24.76 -27.01
CA SER B 76 -0.74 -24.22 -28.23
C SER B 76 -2.00 -23.40 -27.95
N ILE B 77 -2.87 -23.91 -27.07
CA ILE B 77 -4.14 -23.25 -26.83
C ILE B 77 -3.87 -21.90 -26.15
N ILE B 78 -3.02 -21.90 -25.13
CA ILE B 78 -2.77 -20.66 -24.45
C ILE B 78 -2.04 -19.69 -25.39
N LYS B 79 -1.11 -20.19 -26.20
CA LYS B 79 -0.40 -19.31 -27.13
C LYS B 79 -1.40 -18.60 -28.06
N SER B 80 -2.41 -19.34 -28.52
CA SER B 80 -3.41 -18.85 -29.48
C SER B 80 -4.21 -17.68 -28.90
N SER B 81 -4.42 -17.70 -27.58
CA SER B 81 -5.24 -16.71 -26.91
C SER B 81 -4.74 -15.31 -27.23
N GLU B 82 -3.44 -15.16 -27.52
CA GLU B 82 -2.83 -13.84 -27.77
C GLU B 82 -3.47 -13.04 -28.92
N HIS B 83 -4.10 -13.74 -29.87
CA HIS B 83 -4.67 -13.13 -31.07
C HIS B 83 -6.21 -13.28 -31.05
N MET B 84 -6.81 -13.62 -29.89
CA MET B 84 -8.25 -13.86 -29.83
C MET B 84 -8.99 -12.54 -29.57
N LYS B 85 -10.22 -12.45 -30.08
CA LYS B 85 -11.08 -11.31 -29.82
C LYS B 85 -11.81 -11.54 -28.49
N PRO B 86 -12.26 -10.48 -27.80
CA PRO B 86 -12.91 -10.62 -26.49
C PRO B 86 -13.85 -11.81 -26.29
N ARG B 87 -14.70 -12.10 -27.28
CA ARG B 87 -15.69 -13.15 -27.12
C ARG B 87 -15.01 -14.51 -26.98
N ASP B 88 -14.04 -14.80 -27.85
CA ASP B 88 -13.31 -16.05 -27.79
C ASP B 88 -12.57 -16.17 -26.45
N LEU B 89 -11.95 -15.08 -25.97
CA LEU B 89 -11.22 -15.09 -24.71
C LEU B 89 -12.13 -15.48 -23.56
N ASN B 90 -13.31 -14.85 -23.50
CA ASN B 90 -14.30 -15.13 -22.48
C ASN B 90 -14.63 -16.61 -22.49
N ARG B 91 -14.93 -17.13 -23.70
CA ARG B 91 -15.36 -18.51 -23.88
C ARG B 91 -14.25 -19.44 -23.42
N LEU B 92 -13.02 -19.14 -23.84
CA LEU B 92 -11.90 -20.04 -23.59
C LEU B 92 -11.62 -20.09 -22.10
N GLY B 93 -11.52 -18.89 -21.51
CA GLY B 93 -11.33 -18.70 -20.10
C GLY B 93 -12.37 -19.49 -19.30
N ASP B 94 -13.63 -19.46 -19.75
CA ASP B 94 -14.72 -20.15 -19.06
C ASP B 94 -14.62 -21.66 -19.23
N GLU B 95 -13.75 -22.19 -20.09
CA GLU B 95 -13.59 -23.63 -20.17
C GLU B 95 -12.73 -24.16 -19.02
N TYR B 96 -11.96 -23.29 -18.35
CA TYR B 96 -11.15 -23.70 -17.22
C TYR B 96 -11.82 -23.41 -15.87
N ASN B 97 -11.29 -24.04 -14.83
CA ASN B 97 -11.67 -23.69 -13.46
C ASN B 97 -10.89 -22.45 -13.02
N SER B 98 -11.59 -21.32 -12.94
CA SER B 98 -11.12 -20.09 -12.31
C SER B 98 -9.96 -19.46 -13.09
N ILE B 99 -10.26 -19.10 -14.35
CA ILE B 99 -9.32 -18.47 -15.26
C ILE B 99 -10.00 -17.34 -16.02
N PHE B 100 -9.31 -16.19 -16.07
CA PHE B 100 -9.58 -15.16 -17.05
C PHE B 100 -8.35 -15.00 -17.94
N ILE B 101 -8.62 -14.53 -19.18
CA ILE B 101 -7.63 -14.39 -20.23
C ILE B 101 -7.84 -13.08 -20.97
N SER B 102 -6.72 -12.39 -21.17
CA SER B 102 -6.63 -11.24 -22.05
C SER B 102 -5.54 -11.51 -23.10
N ASN B 103 -5.42 -10.60 -24.07
CA ASN B 103 -4.52 -10.82 -25.19
C ASN B 103 -3.10 -10.95 -24.68
N GLU B 104 -2.80 -10.32 -23.54
CA GLU B 104 -1.45 -10.22 -23.01
C GLU B 104 -1.10 -11.35 -22.03
N SER B 105 -2.06 -12.23 -21.72
CA SER B 105 -1.90 -13.25 -20.70
C SER B 105 -0.74 -14.21 -21.00
N TYR B 106 -0.70 -14.74 -22.24
CA TYR B 106 0.33 -15.70 -22.61
C TYR B 106 1.71 -15.08 -22.39
N THR B 107 1.96 -13.91 -22.97
CA THR B 107 3.23 -13.22 -22.82
C THR B 107 3.56 -12.99 -21.34
N CYS B 108 2.56 -12.59 -20.53
CA CYS B 108 2.81 -12.36 -19.10
C CYS B 108 3.23 -13.64 -18.41
N ALA B 109 2.57 -14.76 -18.75
CA ALA B 109 2.92 -16.04 -18.18
C ALA B 109 4.34 -16.47 -18.61
N LEU B 110 4.74 -16.17 -19.87
CA LEU B 110 6.10 -16.46 -20.35
C LEU B 110 7.14 -15.66 -19.56
N LEU B 111 6.79 -14.42 -19.25
CA LEU B 111 7.68 -13.50 -18.56
C LEU B 111 7.85 -13.95 -17.12
N ALA B 112 6.76 -14.42 -16.52
CA ALA B 112 6.82 -14.91 -15.14
C ALA B 112 7.82 -16.05 -15.07
N ALA B 113 7.66 -17.01 -15.97
CA ALA B 113 8.53 -18.18 -15.99
C ALA B 113 9.97 -17.77 -16.30
N GLY B 114 10.18 -17.01 -17.38
CA GLY B 114 11.52 -16.62 -17.79
C GLY B 114 12.26 -15.82 -16.73
N SER B 115 11.51 -14.98 -16.02
CA SER B 115 12.02 -14.25 -14.87
C SER B 115 12.59 -15.22 -13.84
N CYS B 116 11.85 -16.32 -13.60
CA CYS B 116 12.29 -17.29 -12.61
C CYS B 116 13.46 -18.10 -13.12
N PHE B 117 13.52 -18.38 -14.44
CA PHE B 117 14.66 -19.10 -15.00
C PHE B 117 15.93 -18.28 -14.82
N ASN B 118 15.89 -17.00 -15.19
CA ASN B 118 17.04 -16.14 -15.04
C ASN B 118 17.43 -16.06 -13.57
N SER B 119 16.46 -16.06 -12.64
CA SER B 119 16.80 -15.96 -11.23
C SER B 119 17.47 -17.25 -10.79
N ALA B 120 16.91 -18.41 -11.22
CA ALA B 120 17.49 -19.68 -10.82
C ALA B 120 18.93 -19.78 -11.38
N GLN B 121 19.14 -19.28 -12.60
CA GLN B 121 20.45 -19.29 -13.25
C GLN B 121 21.47 -18.49 -12.44
N ALA B 122 21.05 -17.30 -11.97
CA ALA B 122 21.88 -16.39 -11.21
C ALA B 122 22.31 -17.04 -9.87
N ILE B 123 21.40 -17.78 -9.25
CA ILE B 123 21.65 -18.49 -8.01
C ILE B 123 22.61 -19.67 -8.28
N LEU B 124 22.37 -20.41 -9.35
CA LEU B 124 23.11 -21.65 -9.57
C LEU B 124 24.50 -21.36 -10.13
N THR B 125 24.72 -20.19 -10.72
CA THR B 125 26.04 -19.83 -11.22
C THR B 125 26.80 -19.03 -10.16
N GLY B 126 26.17 -18.78 -9.00
CA GLY B 126 26.82 -18.08 -7.90
C GLY B 126 26.87 -16.56 -8.09
N GLN B 127 26.10 -16.00 -9.00
CA GLN B 127 26.08 -14.55 -9.15
C GLN B 127 25.38 -13.86 -7.97
N VAL B 128 24.28 -14.46 -7.49
CA VAL B 128 23.61 -14.09 -6.25
C VAL B 128 23.56 -15.33 -5.36
N ARG B 129 23.42 -15.14 -4.04
CA ARG B 129 23.22 -16.22 -3.09
C ARG B 129 21.76 -16.71 -3.16
N ASN B 130 20.83 -15.77 -3.37
CA ASN B 130 19.39 -16.06 -3.33
C ASN B 130 18.63 -14.97 -4.09
N ALA B 131 17.30 -15.10 -4.19
CA ALA B 131 16.57 -14.14 -5.00
C ALA B 131 15.08 -14.24 -4.77
N VAL B 132 14.41 -13.15 -5.13
CA VAL B 132 12.97 -13.01 -5.04
C VAL B 132 12.43 -12.67 -6.43
N ALA B 133 11.32 -13.31 -6.81
CA ALA B 133 10.68 -13.07 -8.09
C ALA B 133 9.26 -12.55 -7.88
N ILE B 134 9.04 -11.29 -8.27
CA ILE B 134 7.76 -10.61 -8.11
C ILE B 134 7.03 -10.68 -9.45
N VAL B 135 6.32 -11.79 -9.63
CA VAL B 135 5.77 -12.18 -10.92
C VAL B 135 4.27 -12.51 -10.82
N ARG B 136 3.59 -12.34 -11.97
CA ARG B 136 2.23 -12.80 -12.18
C ARG B 136 2.06 -12.97 -13.69
N PRO B 137 1.07 -13.78 -14.15
CA PRO B 137 0.18 -14.59 -13.27
C PRO B 137 0.88 -15.68 -12.49
N PRO B 138 0.24 -16.19 -11.41
CA PRO B 138 0.79 -17.29 -10.62
C PRO B 138 0.84 -18.63 -11.37
N GLY B 139 1.47 -19.64 -10.73
CA GLY B 139 1.84 -20.88 -11.40
C GLY B 139 1.27 -22.17 -10.80
N HIS B 140 1.13 -22.30 -9.47
CA HIS B 140 1.15 -23.62 -8.86
C HIS B 140 -0.09 -24.49 -9.15
N HIS B 141 -1.18 -23.90 -9.58
CA HIS B 141 -2.39 -24.65 -9.93
C HIS B 141 -2.32 -25.15 -11.38
N ALA B 142 -1.39 -24.63 -12.20
CA ALA B 142 -1.32 -25.04 -13.61
C ALA B 142 -0.83 -26.48 -13.70
N GLU B 143 -1.56 -27.28 -14.47
CA GLU B 143 -1.25 -28.68 -14.68
C GLU B 143 -0.47 -28.84 -15.98
N LYS B 144 0.02 -30.06 -16.22
CA LYS B 144 0.74 -30.33 -17.45
C LYS B 144 -0.13 -29.93 -18.65
N ASP B 145 -1.44 -30.23 -18.58
CA ASP B 145 -2.30 -30.17 -19.75
C ASP B 145 -3.44 -29.17 -19.54
N THR B 146 -3.45 -28.37 -18.47
CA THR B 146 -4.50 -27.37 -18.37
C THR B 146 -4.12 -26.24 -17.41
N ALA B 147 -4.76 -25.08 -17.64
CA ALA B 147 -4.72 -23.95 -16.73
C ALA B 147 -5.80 -24.10 -15.65
N CYS B 148 -5.54 -23.43 -14.52
CA CYS B 148 -6.44 -23.52 -13.39
C CYS B 148 -6.05 -22.46 -12.36
N GLY B 149 -7.06 -21.89 -11.70
CA GLY B 149 -6.85 -21.16 -10.45
C GLY B 149 -5.93 -19.96 -10.69
N PHE B 150 -6.18 -19.27 -11.80
CA PHE B 150 -5.50 -18.02 -12.17
C PHE B 150 -4.09 -18.31 -12.70
N CYS B 151 -3.77 -19.57 -12.90
CA CYS B 151 -2.44 -19.98 -13.35
C CYS B 151 -2.50 -20.61 -14.76
N PHE B 152 -1.55 -20.25 -15.61
CA PHE B 152 -1.45 -20.76 -16.98
C PHE B 152 -0.37 -21.85 -17.11
N PHE B 153 0.86 -21.50 -16.72
CA PHE B 153 1.96 -22.44 -16.69
C PHE B 153 2.54 -22.51 -15.29
N ASN B 154 3.09 -23.66 -14.91
CA ASN B 154 3.55 -23.87 -13.55
C ASN B 154 4.99 -23.35 -13.43
N THR B 155 5.11 -22.05 -13.23
CA THR B 155 6.37 -21.35 -13.08
C THR B 155 7.37 -22.09 -12.19
N ALA B 156 6.95 -22.46 -10.97
CA ALA B 156 7.87 -23.09 -10.04
C ALA B 156 8.30 -24.49 -10.53
N ALA B 157 7.36 -25.31 -11.03
CA ALA B 157 7.72 -26.60 -11.60
C ALA B 157 8.69 -26.45 -12.78
N LEU B 158 8.36 -25.56 -13.72
CA LEU B 158 9.25 -25.23 -14.81
C LEU B 158 10.63 -24.79 -14.29
N THR B 159 10.67 -23.95 -13.26
CA THR B 159 11.97 -23.48 -12.75
C THR B 159 12.79 -24.65 -12.23
N ALA B 160 12.15 -25.61 -11.59
CA ALA B 160 12.86 -26.76 -11.05
C ALA B 160 13.49 -27.54 -12.21
N ARG B 161 12.72 -27.77 -13.27
CA ARG B 161 13.22 -28.51 -14.42
C ARG B 161 14.28 -27.70 -15.18
N TYR B 162 14.11 -26.37 -15.22
CA TYR B 162 15.08 -25.52 -15.88
C TYR B 162 16.41 -25.61 -15.14
N ALA B 163 16.37 -25.59 -13.80
CA ALA B 163 17.58 -25.68 -13.00
C ALA B 163 18.32 -27.00 -13.25
N GLN B 164 17.57 -28.12 -13.34
CA GLN B 164 18.16 -29.42 -13.60
C GLN B 164 18.87 -29.39 -14.95
N SER B 165 18.29 -28.63 -15.89
CA SER B 165 18.74 -28.64 -17.26
C SER B 165 20.06 -27.91 -17.41
N ILE B 166 20.39 -26.97 -16.51
CA ILE B 166 21.65 -26.23 -16.60
C ILE B 166 22.64 -26.70 -15.53
N THR B 167 22.27 -27.75 -14.79
CA THR B 167 23.15 -28.34 -13.80
C THR B 167 23.31 -29.81 -14.12
N ARG B 168 22.55 -30.65 -13.40
CA ARG B 168 22.47 -32.05 -13.76
C ARG B 168 21.03 -32.49 -13.54
N GLU B 169 20.66 -33.52 -14.28
CA GLU B 169 19.28 -33.97 -14.35
C GLU B 169 18.73 -34.28 -12.96
N SER B 170 19.57 -34.86 -12.09
CA SER B 170 19.12 -35.32 -10.78
C SER B 170 19.31 -34.27 -9.69
N LEU B 171 19.61 -33.02 -10.05
CA LEU B 171 19.72 -31.94 -9.06
C LEU B 171 18.48 -31.96 -8.17
N ARG B 172 18.75 -31.97 -6.87
CA ARG B 172 17.73 -32.05 -5.85
C ARG B 172 17.13 -30.67 -5.62
N VAL B 173 15.85 -30.54 -5.98
CA VAL B 173 15.09 -29.32 -5.81
C VAL B 173 13.98 -29.58 -4.79
N LEU B 174 13.98 -28.75 -3.75
CA LEU B 174 12.86 -28.66 -2.83
C LEU B 174 11.95 -27.51 -3.26
N ILE B 175 10.66 -27.82 -3.38
CA ILE B 175 9.62 -26.82 -3.54
C ILE B 175 8.79 -26.79 -2.28
N VAL B 176 8.87 -25.65 -1.57
CA VAL B 176 7.99 -25.38 -0.44
C VAL B 176 6.92 -24.42 -0.91
N ASP B 177 5.66 -24.86 -0.79
CA ASP B 177 4.51 -24.14 -1.28
C ASP B 177 3.70 -23.71 -0.06
N TRP B 178 3.88 -22.45 0.36
CA TRP B 178 3.19 -21.93 1.54
C TRP B 178 2.01 -21.04 1.16
N ASP B 179 1.73 -20.93 -0.14
CA ASP B 179 0.46 -20.42 -0.59
C ASP B 179 -0.59 -21.22 0.18
N VAL B 180 -1.69 -20.56 0.48
CA VAL B 180 -2.70 -21.13 1.35
C VAL B 180 -3.40 -22.29 0.64
N HIS B 181 -3.35 -22.27 -0.70
CA HIS B 181 -3.98 -23.31 -1.53
C HIS B 181 -2.96 -24.40 -1.87
N HIS B 182 -3.43 -25.64 -2.02
CA HIS B 182 -2.62 -26.73 -2.52
C HIS B 182 -2.17 -26.40 -3.94
N GLY B 183 -0.88 -26.63 -4.25
CA GLY B 183 -0.47 -26.57 -5.64
C GLY B 183 -0.70 -27.91 -6.33
N ASN B 184 -1.95 -28.19 -6.73
CA ASN B 184 -2.32 -29.43 -7.40
C ASN B 184 -1.37 -29.73 -8.59
N GLY B 185 -1.05 -28.68 -9.35
CA GLY B 185 -0.25 -28.81 -10.55
C GLY B 185 1.15 -29.31 -10.23
N THR B 186 1.74 -28.72 -9.18
CA THR B 186 3.10 -29.00 -8.82
C THR B 186 3.17 -30.43 -8.30
N GLN B 187 2.20 -30.83 -7.48
CA GLN B 187 2.20 -32.19 -6.95
C GLN B 187 2.16 -33.19 -8.11
N HIS B 188 1.19 -33.02 -9.01
CA HIS B 188 1.03 -33.94 -10.13
C HIS B 188 2.28 -34.00 -11.00
N ILE B 189 2.89 -32.84 -11.28
CA ILE B 189 4.03 -32.81 -12.20
C ILE B 189 5.16 -33.64 -11.60
N PHE B 190 5.33 -33.62 -10.28
CA PHE B 190 6.49 -34.27 -9.70
C PHE B 190 6.10 -35.53 -8.94
N GLU B 191 4.88 -36.01 -9.11
CA GLU B 191 4.36 -37.05 -8.23
C GLU B 191 5.19 -38.36 -8.28
N GLU B 192 5.80 -38.67 -9.43
CA GLU B 192 6.59 -39.89 -9.59
C GLU B 192 8.09 -39.59 -9.59
N ASP B 193 8.47 -38.44 -9.03
CA ASP B 193 9.83 -37.95 -9.13
C ASP B 193 10.43 -37.80 -7.74
N ASP B 194 11.61 -38.39 -7.52
CA ASP B 194 12.36 -38.24 -6.28
C ASP B 194 13.47 -37.18 -6.39
N SER B 195 13.58 -36.50 -7.54
CA SER B 195 14.58 -35.43 -7.65
C SER B 195 14.01 -34.12 -7.13
N VAL B 196 12.68 -34.01 -7.09
CA VAL B 196 11.96 -32.81 -6.69
C VAL B 196 11.02 -33.16 -5.55
N LEU B 197 11.37 -32.69 -4.35
CA LEU B 197 10.55 -32.85 -3.17
C LEU B 197 9.58 -31.69 -3.09
N TYR B 198 8.29 -32.05 -3.07
CA TYR B 198 7.19 -31.10 -2.99
C TYR B 198 6.63 -31.16 -1.56
N ILE B 199 6.68 -30.01 -0.87
CA ILE B 199 6.06 -29.84 0.43
C ILE B 199 5.09 -28.67 0.34
N SER B 200 3.80 -28.95 0.54
CA SER B 200 2.76 -27.93 0.56
C SER B 200 2.12 -27.88 1.93
N LEU B 201 1.95 -26.66 2.42
CA LEU B 201 1.03 -26.36 3.51
C LEU B 201 -0.19 -25.69 2.91
N HIS B 202 -1.39 -26.08 3.35
CA HIS B 202 -2.59 -25.57 2.73
C HIS B 202 -3.83 -25.78 3.58
N ARG B 203 -4.76 -24.83 3.45
CA ARG B 203 -6.09 -25.01 3.95
C ARG B 203 -6.82 -26.05 3.08
N TYR B 204 -7.38 -27.07 3.74
CA TYR B 204 -7.92 -28.24 3.08
C TYR B 204 -9.41 -28.36 3.35
N GLU B 205 -9.76 -28.36 4.64
CA GLU B 205 -11.15 -28.39 5.08
C GLU B 205 -11.81 -29.65 4.52
N ASP B 206 -11.14 -30.79 4.70
CA ASP B 206 -11.60 -32.10 4.27
C ASP B 206 -11.98 -32.05 2.80
N GLY B 207 -11.23 -31.26 2.00
CA GLY B 207 -11.41 -31.19 0.57
C GLY B 207 -12.38 -30.13 0.11
N ALA B 208 -12.87 -29.29 1.03
CA ALA B 208 -13.88 -28.30 0.69
C ALA B 208 -13.24 -27.01 0.18
N PHE B 209 -11.95 -26.79 0.45
CA PHE B 209 -11.33 -25.54 0.05
C PHE B 209 -10.69 -25.68 -1.33
N PHE B 210 -10.72 -24.61 -2.15
CA PHE B 210 -10.12 -24.63 -3.48
C PHE B 210 -8.69 -25.21 -3.39
N PRO B 211 -8.24 -26.10 -4.31
CA PRO B 211 -8.99 -26.52 -5.50
C PRO B 211 -9.89 -27.76 -5.37
N ASN B 212 -10.29 -28.09 -4.14
CA ASN B 212 -11.46 -28.91 -3.92
C ASN B 212 -11.19 -30.39 -4.23
N SER B 213 -9.96 -30.87 -4.00
CA SER B 213 -9.61 -32.23 -4.36
C SER B 213 -8.91 -32.94 -3.21
N GLU B 214 -9.22 -34.24 -3.02
CA GLU B 214 -8.63 -35.03 -1.96
C GLU B 214 -7.18 -35.38 -2.27
N ASP B 215 -6.71 -35.03 -3.46
CA ASP B 215 -5.28 -35.10 -3.76
C ASP B 215 -4.45 -34.33 -2.74
N ALA B 216 -5.02 -33.29 -2.11
CA ALA B 216 -4.33 -32.42 -1.17
C ALA B 216 -4.16 -33.03 0.23
N ASN B 217 -4.74 -34.23 0.46
CA ASN B 217 -4.69 -34.84 1.79
C ASN B 217 -3.30 -35.38 2.11
N TYR B 218 -3.04 -35.64 3.40
CA TYR B 218 -1.71 -35.99 3.87
C TYR B 218 -1.27 -37.40 3.42
N ASP B 219 -2.22 -38.26 3.03
CA ASP B 219 -1.90 -39.62 2.61
C ASP B 219 -1.42 -39.68 1.17
N LYS B 220 -1.36 -38.54 0.45
CA LYS B 220 -0.74 -38.53 -0.87
C LYS B 220 0.75 -38.26 -0.70
N VAL B 221 1.52 -39.34 -0.72
CA VAL B 221 2.93 -39.29 -0.37
C VAL B 221 3.80 -39.41 -1.62
N GLY B 222 3.18 -39.49 -2.79
CA GLY B 222 3.91 -39.69 -4.03
C GLY B 222 3.69 -41.09 -4.59
N LEU B 223 4.14 -41.29 -5.84
CA LEU B 223 3.90 -42.53 -6.56
C LEU B 223 5.21 -43.04 -7.15
N GLY B 224 5.34 -44.36 -7.22
CA GLY B 224 6.48 -44.96 -7.89
C GLY B 224 7.78 -44.54 -7.23
N LYS B 225 8.78 -44.08 -8.01
CA LYS B 225 10.02 -43.66 -7.36
C LYS B 225 9.81 -42.40 -6.51
N GLY B 226 8.69 -41.69 -6.70
CA GLY B 226 8.39 -40.50 -5.93
C GLY B 226 7.72 -40.75 -4.58
N ARG B 227 7.53 -42.02 -4.18
CA ARG B 227 6.93 -42.32 -2.90
C ARG B 227 7.80 -41.78 -1.77
N GLY B 228 7.21 -40.90 -0.97
CA GLY B 228 7.92 -40.20 0.09
C GLY B 228 8.26 -38.76 -0.28
N TYR B 229 8.19 -38.39 -1.58
CA TYR B 229 8.74 -37.11 -2.04
C TYR B 229 7.64 -36.09 -2.35
N ASN B 230 6.44 -36.34 -1.83
CA ASN B 230 5.31 -35.45 -1.86
C ASN B 230 4.75 -35.38 -0.45
N VAL B 231 4.78 -34.16 0.13
CA VAL B 231 4.41 -33.97 1.52
C VAL B 231 3.30 -32.92 1.61
N ASN B 232 2.09 -33.36 1.91
CA ASN B 232 0.96 -32.47 2.08
C ASN B 232 0.69 -32.26 3.56
N ILE B 233 0.64 -30.98 3.98
CA ILE B 233 0.30 -30.55 5.33
C ILE B 233 -1.04 -29.82 5.24
N PRO B 234 -2.18 -30.56 5.34
CA PRO B 234 -3.52 -29.99 5.20
C PRO B 234 -4.12 -29.49 6.50
N TRP B 235 -4.67 -28.27 6.46
CA TRP B 235 -5.27 -27.64 7.64
C TRP B 235 -6.78 -27.77 7.56
N ASN B 236 -7.36 -28.14 8.70
CA ASN B 236 -8.80 -28.28 8.82
C ASN B 236 -9.30 -27.54 10.06
N GLY B 237 -10.47 -26.90 9.94
CA GLY B 237 -11.26 -26.45 11.06
C GLY B 237 -10.43 -25.57 11.97
N GLY B 238 -9.89 -24.49 11.42
CA GLY B 238 -9.01 -23.61 12.19
C GLY B 238 -8.49 -22.44 11.38
N LYS B 239 -8.38 -21.30 12.06
CA LYS B 239 -7.88 -20.06 11.53
C LYS B 239 -6.38 -20.05 11.83
N MET B 240 -5.64 -20.75 10.99
CA MET B 240 -4.26 -21.07 11.32
C MET B 240 -3.45 -19.80 11.12
N GLY B 241 -2.39 -19.67 11.92
CA GLY B 241 -1.50 -18.52 11.88
C GLY B 241 -0.08 -18.93 12.21
N ASP B 242 0.70 -17.97 12.67
CA ASP B 242 2.12 -18.20 12.91
C ASP B 242 2.36 -19.44 13.79
N PRO B 243 1.58 -19.72 14.87
CA PRO B 243 1.94 -20.84 15.76
C PRO B 243 1.94 -22.17 15.01
N GLU B 244 0.90 -22.35 14.18
CA GLU B 244 0.69 -23.59 13.44
C GLU B 244 1.77 -23.74 12.37
N TYR B 245 2.10 -22.65 11.66
CA TYR B 245 3.10 -22.70 10.61
C TYR B 245 4.49 -22.96 11.20
N MET B 246 4.80 -22.31 12.33
CA MET B 246 6.08 -22.52 12.97
C MET B 246 6.21 -23.98 13.41
N ALA B 247 5.13 -24.54 13.95
CA ALA B 247 5.12 -25.92 14.40
C ALA B 247 5.31 -26.87 13.22
N ALA B 248 4.63 -26.60 12.11
CA ALA B 248 4.74 -27.47 10.93
C ALA B 248 6.17 -27.45 10.38
N PHE B 249 6.82 -26.26 10.45
CA PHE B 249 8.18 -26.14 9.97
C PHE B 249 9.13 -26.88 10.89
N HIS B 250 8.91 -26.77 12.20
CA HIS B 250 9.79 -27.39 13.19
C HIS B 250 9.75 -28.93 13.08
N HIS B 251 8.54 -29.48 13.03
CA HIS B 251 8.32 -30.92 13.10
C HIS B 251 8.38 -31.62 11.74
N LEU B 252 8.12 -30.89 10.65
CA LEU B 252 7.91 -31.55 9.36
C LEU B 252 8.81 -30.96 8.30
N VAL B 253 8.62 -29.68 7.98
CA VAL B 253 9.24 -29.11 6.80
C VAL B 253 10.76 -29.20 6.97
N MET B 254 11.28 -28.70 8.09
CA MET B 254 12.72 -28.60 8.18
C MET B 254 13.38 -29.97 8.33
N PRO B 255 12.90 -30.90 9.19
CA PRO B 255 13.53 -32.24 9.28
C PRO B 255 13.56 -33.01 7.95
N ILE B 256 12.44 -33.01 7.22
CA ILE B 256 12.35 -33.66 5.93
C ILE B 256 13.34 -32.97 4.97
N ALA B 257 13.33 -31.63 4.96
CA ALA B 257 14.17 -30.88 4.03
C ALA B 257 15.64 -31.18 4.27
N ARG B 258 16.06 -31.20 5.54
CA ARG B 258 17.47 -31.35 5.83
C ARG B 258 17.93 -32.74 5.41
N GLU B 259 17.05 -33.72 5.56
CA GLU B 259 17.38 -35.09 5.20
C GLU B 259 17.46 -35.22 3.68
N PHE B 260 16.56 -34.56 2.94
CA PHE B 260 16.59 -34.55 1.48
C PHE B 260 17.88 -33.91 0.97
N ALA B 261 18.40 -32.92 1.71
CA ALA B 261 19.58 -32.13 1.35
C ALA B 261 19.43 -31.54 -0.05
N PRO B 262 18.48 -30.60 -0.24
CA PRO B 262 18.33 -29.93 -1.53
C PRO B 262 19.59 -29.20 -1.97
N GLU B 263 19.74 -29.11 -3.30
CA GLU B 263 20.79 -28.29 -3.89
C GLU B 263 20.24 -26.92 -4.26
N LEU B 264 18.90 -26.78 -4.22
CA LEU B 264 18.17 -25.58 -4.59
C LEU B 264 16.81 -25.62 -3.90
N VAL B 265 16.42 -24.49 -3.29
CA VAL B 265 15.10 -24.35 -2.72
C VAL B 265 14.30 -23.33 -3.51
N LEU B 266 13.10 -23.73 -3.92
CA LEU B 266 12.14 -22.85 -4.53
C LEU B 266 11.00 -22.71 -3.56
N VAL B 267 10.54 -21.47 -3.38
CA VAL B 267 9.39 -21.22 -2.54
C VAL B 267 8.27 -20.75 -3.45
N SER B 268 7.23 -21.59 -3.51
CA SER B 268 5.96 -21.18 -4.07
C SER B 268 5.28 -20.31 -3.02
N ALA B 269 5.67 -19.04 -3.07
CA ALA B 269 5.38 -18.08 -2.02
C ALA B 269 4.09 -17.31 -2.33
N GLY B 270 2.94 -17.97 -2.11
CA GLY B 270 1.68 -17.26 -2.04
C GLY B 270 1.58 -16.55 -0.70
N PHE B 271 0.96 -15.36 -0.63
CA PHE B 271 0.79 -14.66 0.63
C PHE B 271 -0.69 -14.55 0.97
N ASP B 272 -1.44 -15.61 0.62
CA ASP B 272 -2.87 -15.62 0.87
C ASP B 272 -3.21 -16.37 2.15
N ALA B 273 -2.21 -16.89 2.87
CA ALA B 273 -2.41 -17.31 4.26
C ALA B 273 -2.24 -16.12 5.22
N ALA B 274 -2.02 -14.92 4.69
CA ALA B 274 -1.69 -13.79 5.52
C ALA B 274 -2.94 -13.23 6.19
N ARG B 275 -2.76 -12.69 7.41
N ARG B 275 -2.75 -12.71 7.41
CA ARG B 275 -3.78 -11.88 8.05
CA ARG B 275 -3.70 -11.80 8.03
C ARG B 275 -4.25 -10.81 7.07
C ARG B 275 -4.24 -10.82 6.98
N GLY B 276 -5.57 -10.77 6.87
CA GLY B 276 -6.21 -9.78 6.02
C GLY B 276 -6.48 -10.25 4.59
N ASP B 277 -6.01 -11.44 4.22
CA ASP B 277 -6.31 -11.90 2.88
C ASP B 277 -7.82 -12.03 2.71
N PRO B 278 -8.42 -11.63 1.57
CA PRO B 278 -9.86 -11.84 1.38
C PRO B 278 -10.34 -13.29 1.10
N LEU B 279 -9.43 -14.19 0.74
CA LEU B 279 -9.80 -15.55 0.38
C LEU B 279 -9.32 -16.57 1.41
N GLY B 280 -8.13 -16.38 2.00
CA GLY B 280 -7.47 -17.47 2.71
C GLY B 280 -8.06 -17.75 4.10
N GLY B 281 -8.44 -16.70 4.83
CA GLY B 281 -9.09 -16.89 6.11
C GLY B 281 -8.10 -17.18 7.24
N PHE B 282 -6.81 -16.98 6.98
CA PHE B 282 -5.76 -17.35 7.91
C PHE B 282 -5.13 -16.08 8.46
N GLN B 283 -4.11 -16.25 9.34
CA GLN B 283 -3.54 -15.09 10.02
C GLN B 283 -2.02 -15.20 10.19
N VAL B 284 -1.33 -15.71 9.18
CA VAL B 284 0.12 -15.66 9.18
C VAL B 284 0.51 -14.19 9.07
N THR B 285 1.45 -13.76 9.89
CA THR B 285 1.92 -12.37 9.91
C THR B 285 3.14 -12.20 9.00
N PRO B 286 3.48 -10.94 8.66
CA PRO B 286 4.73 -10.65 7.95
C PRO B 286 5.94 -11.23 8.70
N GLU B 287 5.95 -11.11 10.01
CA GLU B 287 7.05 -11.63 10.82
C GLU B 287 7.11 -13.15 10.69
N GLY B 288 5.94 -13.79 10.66
CA GLY B 288 5.81 -15.22 10.38
C GLY B 288 6.49 -15.63 9.08
N TYR B 289 6.13 -15.01 7.96
CA TYR B 289 6.81 -15.28 6.71
C TYR B 289 8.32 -15.01 6.82
N ALA B 290 8.75 -13.94 7.49
CA ALA B 290 10.17 -13.71 7.65
C ALA B 290 10.83 -14.93 8.29
N HIS B 291 10.25 -15.46 9.36
CA HIS B 291 10.83 -16.62 10.04
C HIS B 291 10.90 -17.85 9.14
N LEU B 292 9.84 -18.09 8.35
CA LEU B 292 9.80 -19.25 7.47
C LEU B 292 10.92 -19.10 6.46
N THR B 293 11.07 -17.89 5.93
CA THR B 293 12.11 -17.61 4.95
C THR B 293 13.48 -17.88 5.58
N HIS B 294 13.64 -17.41 6.82
CA HIS B 294 14.92 -17.47 7.50
C HIS B 294 15.35 -18.93 7.71
N GLN B 295 14.39 -19.77 8.08
CA GLN B 295 14.60 -21.20 8.23
C GLN B 295 15.08 -21.85 6.93
N LEU B 296 14.38 -21.58 5.81
CA LEU B 296 14.70 -22.20 4.54
C LEU B 296 16.09 -21.81 4.05
N MET B 297 16.57 -20.65 4.49
CA MET B 297 17.88 -20.14 4.13
C MET B 297 19.01 -21.01 4.70
N SER B 298 18.71 -21.86 5.68
CA SER B 298 19.69 -22.78 6.23
C SER B 298 19.87 -24.01 5.35
N LEU B 299 19.09 -24.13 4.24
CA LEU B 299 19.22 -25.26 3.33
C LEU B 299 19.96 -24.83 2.08
N ALA B 300 20.56 -25.82 1.40
CA ALA B 300 21.07 -25.71 0.03
C ALA B 300 22.15 -24.62 -0.07
N ALA B 301 22.90 -24.44 1.01
CA ALA B 301 23.93 -23.42 1.08
C ALA B 301 23.34 -22.03 0.83
N GLY B 302 22.08 -21.83 1.25
CA GLY B 302 21.39 -20.55 1.11
C GLY B 302 20.76 -20.33 -0.27
N ARG B 303 20.77 -21.33 -1.16
CA ARG B 303 20.28 -21.15 -2.53
C ARG B 303 18.75 -21.23 -2.58
N VAL B 304 18.10 -20.07 -2.37
CA VAL B 304 16.65 -19.98 -2.23
C VAL B 304 16.11 -18.95 -3.22
N LEU B 305 15.08 -19.36 -3.95
CA LEU B 305 14.36 -18.48 -4.84
C LEU B 305 12.91 -18.40 -4.37
N ILE B 306 12.47 -17.19 -4.02
CA ILE B 306 11.11 -16.94 -3.56
C ILE B 306 10.28 -16.46 -4.73
N ILE B 307 9.27 -17.24 -5.09
CA ILE B 307 8.41 -17.00 -6.24
C ILE B 307 7.00 -16.63 -5.78
N LEU B 308 6.55 -15.45 -6.19
CA LEU B 308 5.19 -15.03 -5.89
C LEU B 308 4.20 -15.98 -6.54
N GLU B 309 3.27 -16.48 -5.72
CA GLU B 309 2.11 -17.23 -6.19
C GLU B 309 0.88 -16.36 -5.98
N GLY B 310 0.03 -16.73 -5.04
CA GLY B 310 -1.20 -16.00 -4.76
C GLY B 310 -0.99 -15.01 -3.61
N GLY B 311 -2.11 -14.55 -3.02
CA GLY B 311 -2.10 -13.46 -2.07
C GLY B 311 -2.78 -12.22 -2.65
N TYR B 312 -3.85 -11.78 -1.99
CA TYR B 312 -4.79 -10.84 -2.60
C TYR B 312 -5.05 -9.56 -1.81
N ASN B 313 -4.60 -9.46 -0.55
CA ASN B 313 -4.64 -8.19 0.16
C ASN B 313 -3.36 -7.43 -0.19
N LEU B 314 -3.49 -6.37 -0.99
CA LEU B 314 -2.35 -5.68 -1.54
C LEU B 314 -1.39 -5.21 -0.44
N THR B 315 -1.95 -4.71 0.67
CA THR B 315 -1.11 -4.28 1.79
C THR B 315 -0.41 -5.48 2.39
N SER B 316 -1.14 -6.57 2.62
CA SER B 316 -0.61 -7.75 3.30
C SER B 316 0.50 -8.41 2.47
N ILE B 317 0.32 -8.53 1.16
CA ILE B 317 1.30 -9.23 0.35
C ILE B 317 2.56 -8.38 0.23
N SER B 318 2.38 -7.05 0.16
CA SER B 318 3.48 -6.12 0.04
C SER B 318 4.36 -6.19 1.27
N GLU B 319 3.76 -6.07 2.46
CA GLU B 319 4.54 -6.22 3.67
C GLU B 319 5.16 -7.62 3.77
N SER B 320 4.38 -8.67 3.51
CA SER B 320 4.81 -10.06 3.74
C SER B 320 6.02 -10.40 2.86
N MET B 321 5.92 -10.07 1.55
CA MET B 321 6.99 -10.43 0.67
C MET B 321 8.24 -9.58 0.93
N SER B 322 8.07 -8.30 1.26
N SER B 322 8.07 -8.30 1.28
CA SER B 322 9.19 -7.43 1.56
CA SER B 322 9.23 -7.45 1.53
C SER B 322 9.99 -8.00 2.73
C SER B 322 9.98 -7.92 2.76
N MET B 323 9.27 -8.48 3.75
CA MET B 323 9.93 -9.08 4.90
C MET B 323 10.73 -10.33 4.53
N CYS B 324 10.26 -11.11 3.55
CA CYS B 324 11.02 -12.24 3.06
C CYS B 324 12.33 -11.74 2.43
N THR B 325 12.25 -10.71 1.58
CA THR B 325 13.42 -10.19 0.88
C THR B 325 14.38 -9.68 1.95
N SER B 326 13.83 -9.00 2.95
CA SER B 326 14.66 -8.56 4.06
C SER B 326 15.47 -9.71 4.65
N MET B 327 14.85 -10.89 4.80
CA MET B 327 15.54 -12.03 5.37
C MET B 327 16.64 -12.54 4.43
N LEU B 328 16.35 -12.60 3.12
CA LEU B 328 17.32 -13.04 2.13
C LEU B 328 18.55 -12.13 2.14
N LEU B 329 18.32 -10.81 2.38
CA LEU B 329 19.39 -9.81 2.42
C LEU B 329 20.23 -9.95 3.69
N GLY B 330 19.82 -10.82 4.61
CA GLY B 330 20.60 -11.08 5.79
C GLY B 330 20.19 -10.21 6.97
N ASP B 331 19.04 -9.53 6.90
CA ASP B 331 18.57 -8.82 8.09
C ASP B 331 18.11 -9.84 9.12
N SER B 332 18.14 -9.40 10.38
CA SER B 332 17.82 -10.29 11.49
C SER B 332 16.31 -10.47 11.53
N PRO B 333 15.80 -11.66 11.90
CA PRO B 333 14.36 -11.90 11.93
C PRO B 333 13.65 -10.93 12.88
N PRO B 334 12.46 -10.39 12.50
CA PRO B 334 11.66 -9.61 13.44
C PRO B 334 11.13 -10.61 14.46
N SER B 335 10.69 -10.09 15.62
CA SER B 335 10.20 -10.94 16.68
C SER B 335 8.76 -11.33 16.38
N LEU B 336 8.42 -12.60 16.59
CA LEU B 336 7.05 -13.07 16.51
C LEU B 336 6.31 -12.63 17.75
N ASP B 337 4.99 -12.55 17.61
CA ASP B 337 4.12 -12.38 18.75
C ASP B 337 4.23 -13.64 19.60
N HIS B 338 3.91 -13.56 20.90
CA HIS B 338 3.80 -14.76 21.71
C HIS B 338 2.96 -15.80 20.98
N LEU B 339 3.49 -17.01 20.85
CA LEU B 339 2.84 -18.07 20.11
C LEU B 339 1.84 -18.78 21.03
N THR B 340 0.55 -18.50 20.81
CA THR B 340 -0.51 -19.21 21.48
C THR B 340 -0.33 -20.73 21.33
N PRO B 341 -0.92 -21.55 22.23
CA PRO B 341 -1.05 -22.99 21.99
C PRO B 341 -1.60 -23.24 20.59
N LEU B 342 -1.04 -24.24 19.90
CA LEU B 342 -1.58 -24.72 18.66
C LEU B 342 -3.07 -24.98 18.79
N LYS B 343 -3.81 -24.65 17.74
CA LYS B 343 -5.16 -25.16 17.56
C LYS B 343 -5.13 -26.69 17.49
N THR B 344 -6.14 -27.32 18.10
CA THR B 344 -6.17 -28.76 18.29
C THR B 344 -6.10 -29.48 16.95
N SER B 345 -6.91 -29.03 15.99
CA SER B 345 -6.90 -29.63 14.65
C SER B 345 -5.54 -29.54 13.96
N ALA B 346 -4.73 -28.53 14.29
CA ALA B 346 -3.39 -28.37 13.73
C ALA B 346 -2.44 -29.47 14.22
N THR B 347 -2.54 -29.81 15.53
CA THR B 347 -1.78 -30.90 16.11
C THR B 347 -2.11 -32.20 15.38
N VAL B 348 -3.41 -32.40 15.16
CA VAL B 348 -3.93 -33.59 14.51
C VAL B 348 -3.35 -33.69 13.10
N SER B 349 -3.49 -32.61 12.33
CA SER B 349 -2.89 -32.51 11.01
C SER B 349 -1.40 -32.87 11.06
N ILE B 350 -0.63 -32.31 12.01
CA ILE B 350 0.80 -32.51 11.99
C ILE B 350 1.15 -33.96 12.32
N ASN B 351 0.38 -34.56 13.22
CA ASN B 351 0.59 -35.95 13.62
C ASN B 351 0.29 -36.91 12.46
N ASN B 352 -0.81 -36.66 11.75
CA ASN B 352 -1.14 -37.41 10.55
C ASN B 352 -0.02 -37.41 9.52
N VAL B 353 0.56 -36.22 9.25
CA VAL B 353 1.63 -36.13 8.27
C VAL B 353 2.84 -36.89 8.81
N LEU B 354 3.11 -36.77 10.12
CA LEU B 354 4.27 -37.43 10.73
C LEU B 354 4.19 -38.94 10.52
N ARG B 355 2.98 -39.49 10.61
CA ARG B 355 2.76 -40.92 10.53
C ARG B 355 2.80 -41.37 9.06
N ALA B 356 2.23 -40.55 8.16
CA ALA B 356 2.31 -40.85 6.74
C ALA B 356 3.75 -40.87 6.24
N HIS B 357 4.65 -40.05 6.80
CA HIS B 357 5.97 -39.82 6.23
C HIS B 357 7.10 -40.47 7.02
N ALA B 358 6.88 -40.88 8.27
CA ALA B 358 7.96 -41.50 9.04
C ALA B 358 8.54 -42.75 8.37
N PRO B 359 7.79 -43.53 7.55
CA PRO B 359 8.41 -44.59 6.76
C PRO B 359 9.53 -44.12 5.84
N PHE B 360 9.45 -42.86 5.35
CA PHE B 360 10.33 -42.42 4.27
C PHE B 360 11.46 -41.53 4.77
N TRP B 361 11.28 -40.97 5.97
CA TRP B 361 12.19 -39.97 6.48
C TRP B 361 12.58 -40.33 7.90
N SER B 362 13.81 -40.79 8.09
CA SER B 362 14.20 -41.30 9.40
C SER B 362 14.25 -40.16 10.42
N SER B 363 14.35 -38.91 9.95
CA SER B 363 14.36 -37.77 10.86
C SER B 363 13.03 -37.62 11.62
N LEU B 364 11.96 -38.27 11.13
CA LEU B 364 10.64 -38.14 11.71
C LEU B 364 10.35 -39.17 12.80
N ARG B 365 11.31 -40.05 13.10
CA ARG B 365 10.98 -41.18 13.95
C ARG B 365 11.40 -40.91 15.40
#